data_9HBL
#
_entry.id   9HBL
#
_cell.length_a   75.291
_cell.length_b   132.733
_cell.length_c   75.34
_cell.angle_alpha   90
_cell.angle_beta   111.66
_cell.angle_gamma   90
#
_symmetry.space_group_name_H-M   'P 1 21 1'
#
loop_
_entity.id
_entity.type
_entity.pdbx_description
1 polymer 'Uncharacterized ABC transporter ATP-binding protein MJ0035'
2 polymer 'Iron-sulfur cluster assembly SufBD family protein MJ0034'
3 non-polymer 1,2-ETHANEDIOL
4 non-polymer 'SULFATE ION'
5 water water
#
loop_
_entity_poly.entity_id
_entity_poly.type
_entity_poly.pdbx_seq_one_letter_code
_entity_poly.pdbx_strand_id
1 'polypeptide(L)'
;GEFMVSIMLLKVEDLHVYRGNREILKGVNLTVEENEIHAIIGPNGAGKSTLAYTIMGISGYKPTKGRIIFKGVDIIDKNI
TERARMGMTLAWQEPARFEGIKVKNYLMLGMNEKYKKDKEIAEEKIREALKLVNLDPDKYLDRYVDETLSGGERKRIELA
SIICMEPDLAILDEPDSGIDIVSFDEIKRVFDYLKDKGCSLLVITHREELAEHADRVSLICAGEVIKSGDPKEVGEFYKK
ECGKCYKKVPDGK
;
A,C
2 'polypeptide(L)'
;GEFELMSIKEELMEIIEAIKYTSEKPEEIVHGKGPRIIVKESRIIDVQGDEGIILEGKEEDGKIKAKIIVKKGYKFKYPI
HMCFGITEENISQIIDVEIILEEDSSISLMSHCSFPKGKGIKHIMNGIIKIGKNAKFSYNEFHYHGMDGDILVKPTVKVE
IDEGGIYISNFTLTKGRIGTLDIEQEIIAKKDAIIDITTRTYAIKEDVVKVNEVVKLNGENAKCIIKSRGAAMDNSKISL
KLKIEGNAPYSKGHIDCAEIVKGNAEVESIPIVVVRDDKARITHEAAIGSVDKKQLETLMAKGLDEDEATEIIVKGMIGD
L
;
B,D
#
# COMPACT_ATOMS: atom_id res chain seq x y z
N GLY A 1 0.13 16.66 42.54
CA GLY A 1 -0.41 17.99 42.82
C GLY A 1 0.37 19.14 42.21
N GLU A 2 0.71 20.14 43.03
CA GLU A 2 1.48 21.31 42.61
C GLU A 2 2.96 21.22 43.04
N PHE A 3 3.47 20.02 43.40
CA PHE A 3 4.84 19.90 43.88
C PHE A 3 5.81 19.68 42.75
N MET A 4 6.83 20.54 42.68
CA MET A 4 7.91 20.53 41.67
C MET A 4 7.43 20.89 40.25
N VAL A 5 6.23 21.48 40.10
CA VAL A 5 5.71 21.83 38.78
C VAL A 5 6.50 22.92 38.09
N SER A 6 7.20 23.79 38.84
CA SER A 6 7.97 24.88 38.26
C SER A 6 9.14 24.43 37.40
N ILE A 7 9.63 23.21 37.58
CA ILE A 7 10.69 22.63 36.74
C ILE A 7 10.17 21.55 35.74
N MET A 8 8.85 21.49 35.58
CA MET A 8 8.21 20.53 34.71
C MET A 8 7.79 21.17 33.40
N LEU A 9 8.14 20.53 32.28
CA LEU A 9 7.76 20.97 30.95
C LEU A 9 6.39 20.38 30.63
N LEU A 10 6.22 19.08 30.87
CA LEU A 10 4.98 18.37 30.57
C LEU A 10 4.47 17.64 31.82
N LYS A 11 3.17 17.66 32.03
CA LYS A 11 2.55 16.97 33.16
C LYS A 11 1.27 16.29 32.72
N VAL A 12 1.27 14.97 32.62
CA VAL A 12 0.08 14.21 32.29
C VAL A 12 -0.50 13.71 33.63
N GLU A 13 -1.72 14.14 33.95
CA GLU A 13 -2.37 13.75 35.21
C GLU A 13 -3.55 12.81 34.93
N ASP A 14 -3.54 11.62 35.58
CA ASP A 14 -4.54 10.54 35.52
C ASP A 14 -5.33 10.51 34.21
N LEU A 15 -4.63 10.30 33.10
CA LEU A 15 -5.20 10.36 31.76
C LEU A 15 -5.89 9.08 31.28
N HIS A 16 -7.14 9.20 30.83
CA HIS A 16 -7.93 8.09 30.31
C HIS A 16 -8.27 8.36 28.85
N VAL A 17 -7.76 7.55 27.92
CA VAL A 17 -8.03 7.73 26.50
C VAL A 17 -8.70 6.48 25.94
N TYR A 18 -9.85 6.64 25.28
CA TYR A 18 -10.61 5.50 24.75
C TYR A 18 -10.49 5.44 23.24
N ARG A 19 -10.28 4.24 22.69
CA ARG A 19 -10.24 4.06 21.26
C ARG A 19 -11.32 3.06 20.90
N GLY A 20 -12.51 3.60 20.65
CA GLY A 20 -13.70 2.82 20.39
C GLY A 20 -14.34 2.44 21.70
N ASN A 21 -14.60 1.14 21.89
CA ASN A 21 -15.18 0.63 23.13
C ASN A 21 -14.09 0.37 24.21
N ARG A 22 -12.83 0.16 23.77
CA ARG A 22 -11.69 -0.12 24.63
C ARG A 22 -11.07 1.12 25.26
N GLU A 23 -10.69 1.02 26.53
CA GLU A 23 -9.99 2.08 27.21
C GLU A 23 -8.50 1.72 27.05
N ILE A 24 -7.73 2.52 26.31
CA ILE A 24 -6.32 2.21 26.08
C ILE A 24 -5.47 2.72 27.23
N LEU A 25 -5.61 4.00 27.58
CA LEU A 25 -4.88 4.56 28.70
C LEU A 25 -5.83 4.58 29.90
N LYS A 26 -5.46 3.91 30.98
CA LYS A 26 -6.33 3.79 32.16
C LYS A 26 -5.73 4.54 33.36
N GLY A 27 -5.52 5.84 33.21
CA GLY A 27 -4.95 6.66 34.26
C GLY A 27 -3.44 6.79 34.15
N VAL A 28 -3.00 7.60 33.20
CA VAL A 28 -1.56 7.80 33.00
C VAL A 28 -1.04 8.99 33.80
N ASN A 29 -0.07 8.74 34.66
CA ASN A 29 0.57 9.80 35.42
C ASN A 29 2.02 9.80 35.00
N LEU A 30 2.39 10.82 34.25
CA LEU A 30 3.72 10.94 33.67
C LEU A 30 4.13 12.41 33.69
N THR A 31 5.42 12.71 33.86
CA THR A 31 5.91 14.10 33.79
C THR A 31 7.19 14.13 32.98
N VAL A 32 7.44 15.24 32.31
CA VAL A 32 8.69 15.44 31.58
C VAL A 32 9.25 16.73 32.12
N GLU A 33 10.48 16.67 32.61
CA GLU A 33 11.12 17.83 33.19
C GLU A 33 12.01 18.53 32.16
N GLU A 34 12.52 19.71 32.51
CA GLU A 34 13.36 20.49 31.62
C GLU A 34 14.71 19.78 31.41
N ASN A 35 15.27 19.83 30.16
CA ASN A 35 16.57 19.23 29.78
C ASN A 35 16.67 17.71 30.03
N GLU A 36 15.57 16.98 29.92
CA GLU A 36 15.54 15.56 30.23
C GLU A 36 15.22 14.67 29.02
N ILE A 37 15.90 13.52 28.95
CA ILE A 37 15.59 12.50 27.98
C ILE A 37 14.81 11.48 28.79
N HIS A 38 13.48 11.52 28.74
CA HIS A 38 12.65 10.60 29.49
C HIS A 38 12.10 9.53 28.50
N ALA A 39 12.49 8.26 28.69
CA ALA A 39 12.01 7.20 27.82
C ALA A 39 10.78 6.52 28.38
N ILE A 40 9.94 6.02 27.48
CA ILE A 40 8.75 5.27 27.83
C ILE A 40 8.83 3.87 27.23
N ILE A 41 8.89 2.85 28.08
CA ILE A 41 8.94 1.47 27.61
C ILE A 41 7.65 0.73 27.90
N GLY A 42 7.38 -0.30 27.11
CA GLY A 42 6.19 -1.08 27.29
C GLY A 42 5.98 -2.05 26.16
N PRO A 43 5.21 -3.11 26.42
CA PRO A 43 4.96 -4.11 25.38
C PRO A 43 4.02 -3.58 24.28
N ASN A 44 3.68 -4.44 23.32
CA ASN A 44 2.72 -4.10 22.28
C ASN A 44 1.34 -4.00 22.94
N GLY A 45 0.58 -3.00 22.56
CA GLY A 45 -0.77 -2.81 23.10
C GLY A 45 -0.84 -2.11 24.44
N ALA A 46 0.31 -1.62 24.95
CA ALA A 46 0.36 -0.92 26.22
C ALA A 46 -0.18 0.51 26.19
N GLY A 47 -0.18 1.14 25.01
CA GLY A 47 -0.68 2.50 24.86
C GLY A 47 0.37 3.55 24.57
N LYS A 48 1.59 3.12 24.19
CA LYS A 48 2.72 3.99 23.88
C LYS A 48 2.40 5.01 22.79
N SER A 49 1.93 4.54 21.62
CA SER A 49 1.55 5.41 20.52
C SER A 49 0.37 6.29 20.87
N THR A 50 -0.69 5.71 21.47
CA THR A 50 -1.86 6.48 21.92
C THR A 50 -1.48 7.66 22.80
N LEU A 51 -0.56 7.43 23.78
CA LEU A 51 -0.08 8.47 24.67
C LEU A 51 0.65 9.56 23.90
N ALA A 52 1.53 9.18 22.97
CA ALA A 52 2.26 10.18 22.17
C ALA A 52 1.32 11.03 21.31
N TYR A 53 0.26 10.41 20.75
CA TYR A 53 -0.71 11.13 19.91
C TYR A 53 -1.64 12.01 20.73
N THR A 54 -1.94 11.62 21.98
CA THR A 54 -2.83 12.38 22.86
C THR A 54 -2.15 13.66 23.34
N ILE A 55 -0.84 13.58 23.62
CA ILE A 55 -0.08 14.76 24.03
C ILE A 55 -0.02 15.76 22.87
N MET A 56 0.27 15.26 21.66
CA MET A 56 0.36 16.13 20.48
C MET A 56 -1.01 16.68 20.00
N GLY A 57 -2.10 16.06 20.41
CA GLY A 57 -3.43 16.53 20.07
C GLY A 57 -3.97 16.00 18.77
N ILE A 58 -3.46 14.83 18.34
CA ILE A 58 -3.87 14.17 17.11
C ILE A 58 -5.35 13.82 17.18
N SER A 59 -6.07 14.03 16.08
CA SER A 59 -7.50 13.77 16.01
C SER A 59 -7.82 12.31 16.23
N GLY A 60 -8.75 12.05 17.13
CA GLY A 60 -9.16 10.70 17.49
C GLY A 60 -8.52 10.19 18.77
N TYR A 61 -7.72 11.04 19.43
CA TYR A 61 -7.00 10.73 20.65
C TYR A 61 -7.37 11.80 21.66
N LYS A 62 -8.66 11.79 22.06
CA LYS A 62 -9.23 12.75 23.00
C LYS A 62 -9.38 12.10 24.36
N PRO A 63 -8.87 12.75 25.42
CA PRO A 63 -9.04 12.19 26.76
C PRO A 63 -10.49 12.30 27.26
N THR A 64 -10.94 11.27 27.98
CA THR A 64 -12.26 11.19 28.62
C THR A 64 -12.15 11.68 30.08
N LYS A 65 -11.03 11.34 30.74
CA LYS A 65 -10.72 11.78 32.09
C LYS A 65 -9.24 12.21 32.11
N GLY A 66 -8.90 13.14 33.00
CA GLY A 66 -7.53 13.60 33.13
C GLY A 66 -7.21 14.90 32.40
N ARG A 67 -5.96 15.37 32.55
CA ARG A 67 -5.49 16.61 31.94
C ARG A 67 -4.00 16.57 31.56
N ILE A 68 -3.64 17.28 30.49
CA ILE A 68 -2.28 17.39 29.98
C ILE A 68 -1.89 18.85 30.11
N ILE A 69 -0.90 19.12 30.96
CA ILE A 69 -0.43 20.48 31.17
C ILE A 69 0.93 20.61 30.52
N PHE A 70 1.11 21.60 29.68
CA PHE A 70 2.40 21.82 29.01
C PHE A 70 2.76 23.26 29.26
N LYS A 71 3.96 23.49 29.79
CA LYS A 71 4.43 24.83 30.12
C LYS A 71 3.47 25.61 31.06
N GLY A 72 2.88 24.90 32.03
CA GLY A 72 1.93 25.48 32.96
C GLY A 72 0.52 25.67 32.42
N VAL A 73 0.33 25.49 31.10
CA VAL A 73 -0.98 25.68 30.47
C VAL A 73 -1.68 24.36 30.23
N ASP A 74 -2.98 24.26 30.55
CA ASP A 74 -3.74 23.03 30.28
C ASP A 74 -4.13 23.14 28.83
N ILE A 75 -3.58 22.27 27.99
CA ILE A 75 -3.77 22.31 26.55
C ILE A 75 -5.01 21.56 26.06
N ILE A 76 -6.02 21.39 26.90
CA ILE A 76 -7.28 20.70 26.57
C ILE A 76 -7.99 21.26 25.33
N ASP A 77 -7.97 22.59 25.16
CA ASP A 77 -8.65 23.22 24.01
C ASP A 77 -7.71 23.65 22.88
N LYS A 78 -6.43 23.24 22.93
CA LYS A 78 -5.43 23.58 21.92
C LYS A 78 -5.33 22.52 20.83
N ASN A 79 -5.25 22.93 19.58
CA ASN A 79 -5.12 22.00 18.46
C ASN A 79 -3.64 21.66 18.19
N ILE A 80 -3.34 20.72 17.26
CA ILE A 80 -1.96 20.33 16.92
C ILE A 80 -1.06 21.54 16.64
N THR A 81 -1.54 22.47 15.79
CA THR A 81 -0.83 23.71 15.44
C THR A 81 -0.50 24.54 16.68
N GLU A 82 -1.48 24.75 17.55
CA GLU A 82 -1.32 25.54 18.79
C GLU A 82 -0.37 24.89 19.78
N ARG A 83 -0.39 23.56 19.89
CA ARG A 83 0.55 22.84 20.74
C ARG A 83 1.96 22.91 20.15
N ALA A 84 2.08 22.83 18.83
CA ALA A 84 3.38 22.92 18.17
C ALA A 84 3.99 24.31 18.31
N ARG A 85 3.14 25.35 18.31
CA ARG A 85 3.61 26.72 18.48
C ARG A 85 4.08 27.05 19.90
N MET A 86 3.79 26.16 20.87
CA MET A 86 4.27 26.23 22.25
C MET A 86 5.62 25.50 22.43
N GLY A 87 6.11 24.82 21.40
CA GLY A 87 7.40 24.13 21.44
C GLY A 87 7.33 22.63 21.60
N MET A 88 6.18 22.04 21.32
CA MET A 88 6.01 20.59 21.40
C MET A 88 5.90 20.02 19.99
N THR A 89 6.65 18.96 19.66
CA THR A 89 6.52 18.31 18.36
C THR A 89 6.54 16.79 18.50
N LEU A 90 6.08 16.07 17.46
CA LEU A 90 5.99 14.62 17.40
C LEU A 90 6.66 14.15 16.13
N ALA A 91 7.50 13.11 16.25
CA ALA A 91 8.12 12.43 15.11
C ALA A 91 7.43 11.08 15.14
N TRP A 92 6.62 10.82 14.12
CA TRP A 92 5.87 9.58 13.98
C TRP A 92 6.85 8.42 13.75
N GLN A 93 6.41 7.17 14.00
CA GLN A 93 7.26 6.02 13.76
C GLN A 93 7.45 5.82 12.27
N GLU A 94 6.40 5.97 11.47
CA GLU A 94 6.48 5.87 10.01
C GLU A 94 6.23 7.29 9.48
N PRO A 95 7.26 8.15 9.33
CA PRO A 95 7.00 9.51 8.86
C PRO A 95 6.27 9.57 7.50
N ALA A 96 5.20 10.38 7.43
CA ALA A 96 4.35 10.52 6.25
C ALA A 96 5.13 10.88 5.00
N ARG A 97 4.79 10.27 3.86
CA ARG A 97 5.39 10.65 2.61
C ARG A 97 4.54 11.78 2.03
N PHE A 98 5.17 12.71 1.29
CA PHE A 98 4.52 13.86 0.71
C PHE A 98 4.86 13.97 -0.73
N GLU A 99 3.85 14.18 -1.57
CA GLU A 99 4.08 14.36 -2.99
C GLU A 99 4.64 15.77 -3.23
N GLY A 100 5.76 15.83 -3.94
CA GLY A 100 6.39 17.05 -4.40
C GLY A 100 6.97 18.05 -3.41
N ILE A 101 7.32 17.63 -2.20
CA ILE A 101 7.95 18.53 -1.24
C ILE A 101 9.43 18.15 -1.15
N LYS A 102 10.35 19.04 -1.55
CA LYS A 102 11.78 18.73 -1.48
C LYS A 102 12.28 18.72 -0.03
N VAL A 103 13.38 18.00 0.22
CA VAL A 103 14.01 17.89 1.54
C VAL A 103 14.42 19.27 2.07
N LYS A 104 15.03 20.10 1.21
CA LYS A 104 15.46 21.44 1.59
C LYS A 104 14.29 22.34 2.04
N ASN A 105 13.09 22.16 1.46
CA ASN A 105 11.93 22.93 1.86
C ASN A 105 11.20 22.32 3.04
N TYR A 106 11.23 20.98 3.15
CA TYR A 106 10.61 20.24 4.25
C TYR A 106 11.31 20.57 5.57
N LEU A 107 12.67 20.65 5.54
CA LEU A 107 13.45 20.93 6.76
C LEU A 107 13.36 22.39 7.25
N MET A 108 12.77 23.27 6.43
CA MET A 108 12.53 24.64 6.83
C MET A 108 11.19 24.75 7.60
N LEU A 109 10.27 23.79 7.44
CA LEU A 109 8.98 23.80 8.12
C LEU A 109 9.14 23.61 9.63
N GLY A 110 8.70 24.60 10.38
CA GLY A 110 8.78 24.57 11.82
C GLY A 110 10.15 24.88 12.42
N MET A 111 11.14 25.22 11.55
CA MET A 111 12.50 25.56 11.96
C MET A 111 12.56 26.56 13.12
N ASN A 112 13.50 26.36 14.06
CA ASN A 112 13.63 27.23 15.21
C ASN A 112 13.86 28.67 14.82
N GLU A 113 13.26 29.61 15.56
CA GLU A 113 13.43 31.04 15.29
C GLU A 113 14.88 31.49 15.31
N LYS A 114 15.75 30.80 16.06
CA LYS A 114 17.17 31.15 16.11
C LYS A 114 17.95 30.76 14.84
N TYR A 115 17.32 30.02 13.91
CA TYR A 115 17.98 29.66 12.66
C TYR A 115 17.19 30.24 11.49
N LYS A 116 15.87 30.04 11.52
CA LYS A 116 14.84 30.41 10.53
C LYS A 116 14.98 31.78 9.84
N LYS A 117 15.37 32.81 10.61
CA LYS A 117 15.41 34.18 10.10
C LYS A 117 16.58 34.45 9.11
N ASP A 118 17.85 34.32 9.53
CA ASP A 118 18.97 34.52 8.62
C ASP A 118 18.98 33.36 7.61
N LYS A 119 19.03 33.66 6.30
CA LYS A 119 19.02 32.64 5.25
C LYS A 119 20.28 31.76 5.27
N GLU A 120 21.48 32.37 5.28
CA GLU A 120 22.73 31.60 5.27
C GLU A 120 22.95 30.79 6.57
N ILE A 121 22.27 31.19 7.67
CA ILE A 121 22.32 30.49 8.95
C ILE A 121 21.28 29.33 8.98
N ALA A 122 20.12 29.53 8.32
CA ALA A 122 19.09 28.50 8.20
C ALA A 122 19.56 27.39 7.26
N GLU A 123 20.21 27.76 6.15
CA GLU A 123 20.74 26.77 5.21
C GLU A 123 21.91 25.96 5.78
N GLU A 124 22.65 26.56 6.72
CA GLU A 124 23.76 25.87 7.37
C GLU A 124 23.18 24.86 8.39
N LYS A 125 22.08 25.23 9.07
CA LYS A 125 21.43 24.36 10.04
C LYS A 125 20.90 23.10 9.39
N ILE A 126 20.42 23.19 8.14
CA ILE A 126 19.94 22.03 7.39
C ILE A 126 21.08 21.06 7.16
N ARG A 127 22.25 21.59 6.74
CA ARG A 127 23.43 20.79 6.45
C ARG A 127 23.91 20.05 7.69
N GLU A 128 23.93 20.74 8.84
CA GLU A 128 24.34 20.20 10.14
C GLU A 128 23.41 19.08 10.59
N ALA A 129 22.09 19.21 10.31
CA ALA A 129 21.07 18.23 10.66
C ALA A 129 21.17 16.99 9.78
N LEU A 130 21.36 17.17 8.45
CA LEU A 130 21.50 16.04 7.54
C LEU A 130 22.83 15.31 7.77
N LYS A 131 23.90 16.06 8.11
CA LYS A 131 25.21 15.45 8.41
C LYS A 131 25.18 14.68 9.73
N LEU A 132 24.34 15.11 10.69
CA LEU A 132 24.17 14.45 11.99
C LEU A 132 23.46 13.10 11.84
N VAL A 133 22.54 13.00 10.89
CA VAL A 133 21.81 11.76 10.66
C VAL A 133 22.46 10.89 9.57
N ASN A 134 23.75 11.15 9.24
CA ASN A 134 24.58 10.45 8.27
C ASN A 134 24.02 10.42 6.85
N LEU A 135 23.44 11.54 6.41
CA LEU A 135 22.95 11.68 5.04
C LEU A 135 23.81 12.74 4.35
N ASP A 136 24.21 12.53 3.09
CA ASP A 136 25.02 13.51 2.36
C ASP A 136 24.09 14.65 1.96
N PRO A 137 24.28 15.87 2.51
CA PRO A 137 23.34 16.97 2.19
C PRO A 137 23.13 17.23 0.70
N ASP A 138 24.20 17.22 -0.08
CA ASP A 138 24.10 17.48 -1.52
C ASP A 138 23.41 16.37 -2.31
N LYS A 139 23.39 15.14 -1.78
CA LYS A 139 22.73 14.00 -2.41
C LYS A 139 21.20 13.98 -2.10
N TYR A 140 20.76 14.70 -1.03
CA TYR A 140 19.36 14.68 -0.63
C TYR A 140 18.60 16.01 -0.70
N LEU A 141 19.25 17.18 -0.63
CA LEU A 141 18.58 18.48 -0.63
C LEU A 141 17.49 18.69 -1.70
N ASP A 142 17.70 18.16 -2.91
CA ASP A 142 16.70 18.34 -3.98
C ASP A 142 15.85 17.07 -4.26
N ARG A 143 15.87 16.11 -3.34
CA ARG A 143 15.06 14.90 -3.42
C ARG A 143 13.70 15.19 -2.78
N TYR A 144 12.63 14.52 -3.24
CA TYR A 144 11.30 14.70 -2.66
C TYR A 144 11.14 13.80 -1.45
N VAL A 145 10.36 14.24 -0.44
CA VAL A 145 10.10 13.41 0.74
C VAL A 145 8.89 12.51 0.45
N ASP A 146 8.93 11.85 -0.71
CA ASP A 146 7.85 11.00 -1.22
C ASP A 146 8.17 9.50 -1.09
N GLU A 147 7.33 8.63 -1.71
CA GLU A 147 7.47 7.18 -1.68
C GLU A 147 8.80 6.66 -2.24
N THR A 148 9.46 7.48 -3.08
CA THR A 148 10.74 7.24 -3.76
C THR A 148 11.88 6.96 -2.76
N LEU A 149 11.85 7.63 -1.61
CA LEU A 149 12.87 7.44 -0.59
C LEU A 149 12.70 6.07 0.08
N SER A 150 13.77 5.55 0.67
CA SER A 150 13.67 4.33 1.47
C SER A 150 13.09 4.77 2.84
N GLY A 151 12.59 3.81 3.60
CA GLY A 151 12.09 4.08 4.95
C GLY A 151 13.17 4.68 5.85
N GLY A 152 14.41 4.26 5.64
CA GLY A 152 15.57 4.73 6.39
C GLY A 152 15.95 6.15 6.05
N GLU A 153 15.87 6.50 4.76
CA GLU A 153 16.17 7.85 4.32
C GLU A 153 15.10 8.81 4.85
N ARG A 154 13.81 8.46 4.69
CA ARG A 154 12.69 9.29 5.14
C ARG A 154 12.69 9.49 6.66
N LYS A 155 13.03 8.44 7.43
CA LYS A 155 13.07 8.60 8.89
C LYS A 155 14.32 9.37 9.36
N ARG A 156 15.43 9.29 8.60
CA ARG A 156 16.62 10.09 8.93
C ARG A 156 16.32 11.57 8.64
N ILE A 157 15.60 11.87 7.54
CA ILE A 157 15.15 13.23 7.22
C ILE A 157 14.19 13.75 8.31
N GLU A 158 13.37 12.89 8.91
CA GLU A 158 12.48 13.27 10.00
C GLU A 158 13.27 13.61 11.27
N LEU A 159 14.36 12.86 11.50
CA LEU A 159 15.29 13.12 12.61
C LEU A 159 16.01 14.46 12.38
N ALA A 160 16.34 14.78 11.12
CA ALA A 160 16.95 16.06 10.77
C ALA A 160 15.93 17.21 10.96
N SER A 161 14.64 16.95 10.73
CA SER A 161 13.58 17.93 10.91
C SER A 161 13.48 18.31 12.39
N ILE A 162 13.49 17.33 13.30
CA ILE A 162 13.50 17.53 14.76
C ILE A 162 14.70 18.42 15.16
N ILE A 163 15.85 18.20 14.50
CA ILE A 163 17.07 18.96 14.74
C ILE A 163 16.90 20.42 14.32
N CYS A 164 16.34 20.67 13.12
CA CYS A 164 16.08 22.04 12.62
C CYS A 164 15.02 22.77 13.45
N MET A 165 14.03 22.02 13.92
CA MET A 165 12.96 22.56 14.73
C MET A 165 13.45 22.89 16.13
N GLU A 166 14.39 22.09 16.68
CA GLU A 166 14.92 22.23 18.05
C GLU A 166 13.82 22.56 19.09
N PRO A 167 12.84 21.67 19.28
CA PRO A 167 11.71 22.01 20.16
C PRO A 167 12.02 21.99 21.64
N ASP A 168 11.13 22.58 22.44
CA ASP A 168 11.25 22.50 23.89
C ASP A 168 10.98 21.04 24.30
N LEU A 169 9.96 20.39 23.67
CA LEU A 169 9.64 18.98 23.83
C LEU A 169 9.57 18.27 22.48
N ALA A 170 10.36 17.21 22.31
CA ALA A 170 10.34 16.42 21.08
C ALA A 170 9.83 15.05 21.46
N ILE A 171 8.62 14.65 21.03
CA ILE A 171 8.10 13.31 21.30
C ILE A 171 8.59 12.44 20.16
N LEU A 172 9.36 11.39 20.45
CA LEU A 172 9.92 10.55 19.39
C LEU A 172 9.38 9.14 19.44
N ASP A 173 8.45 8.81 18.55
CA ASP A 173 7.88 7.47 18.53
C ASP A 173 8.78 6.51 17.79
N GLU A 174 9.45 5.61 18.55
CA GLU A 174 10.38 4.59 18.05
C GLU A 174 11.47 5.20 17.17
N PRO A 175 12.30 6.11 17.69
CA PRO A 175 13.32 6.77 16.83
C PRO A 175 14.38 5.87 16.20
N ASP A 176 14.66 4.68 16.78
CA ASP A 176 15.70 3.79 16.23
C ASP A 176 15.15 2.72 15.26
N SER A 177 13.83 2.68 15.04
CA SER A 177 13.23 1.72 14.13
C SER A 177 13.18 2.30 12.74
N GLY A 178 13.35 1.44 11.75
CA GLY A 178 13.29 1.81 10.33
C GLY A 178 14.35 2.74 9.81
N ILE A 179 15.43 3.02 10.59
CA ILE A 179 16.50 3.91 10.11
C ILE A 179 17.74 3.15 9.64
N ASP A 180 17.78 1.80 9.75
CA ASP A 180 18.93 0.97 9.38
C ASP A 180 20.14 1.29 10.29
N ILE A 181 19.84 1.50 11.57
CA ILE A 181 20.78 1.89 12.62
C ILE A 181 21.99 0.96 12.69
N VAL A 182 23.18 1.55 12.63
CA VAL A 182 24.45 0.82 12.71
C VAL A 182 24.69 0.37 14.15
N SER A 183 24.48 1.27 15.10
CA SER A 183 24.62 1.03 16.54
C SER A 183 23.90 2.15 17.35
N PHE A 184 23.71 1.97 18.66
CA PHE A 184 23.09 3.02 19.48
C PHE A 184 23.91 4.30 19.56
N ASP A 185 25.20 4.23 19.21
CA ASP A 185 26.06 5.41 19.18
C ASP A 185 25.60 6.41 18.11
N GLU A 186 24.92 5.93 17.06
CA GLU A 186 24.38 6.76 15.99
C GLU A 186 23.21 7.60 16.54
N ILE A 187 22.28 6.96 17.26
CA ILE A 187 21.13 7.65 17.83
C ILE A 187 21.51 8.50 19.06
N LYS A 188 22.48 8.04 19.87
CA LYS A 188 22.99 8.76 21.04
C LYS A 188 23.64 10.08 20.63
N ARG A 189 24.35 10.09 19.49
CA ARG A 189 25.02 11.27 18.93
C ARG A 189 23.99 12.38 18.67
N VAL A 190 22.80 12.00 18.19
CA VAL A 190 21.68 12.90 17.90
C VAL A 190 21.01 13.31 19.21
N PHE A 191 20.71 12.33 20.09
CA PHE A 191 20.07 12.60 21.38
C PHE A 191 20.86 13.58 22.27
N ASP A 192 22.21 13.41 22.36
CA ASP A 192 23.09 14.28 23.15
C ASP A 192 23.20 15.68 22.53
N TYR A 193 23.13 15.79 21.19
CA TYR A 193 23.16 17.07 20.50
C TYR A 193 21.91 17.88 20.83
N LEU A 194 20.73 17.24 20.80
CA LEU A 194 19.48 17.91 21.12
C LEU A 194 19.47 18.29 22.60
N LYS A 195 19.92 17.38 23.48
CA LYS A 195 20.00 17.60 24.93
C LYS A 195 20.89 18.81 25.27
N ASP A 196 22.05 18.93 24.61
CA ASP A 196 22.96 20.04 24.83
C ASP A 196 22.36 21.39 24.42
N LYS A 197 21.46 21.38 23.44
CA LYS A 197 20.75 22.58 22.97
C LYS A 197 19.62 23.04 23.91
N GLY A 198 19.22 22.18 24.85
CA GLY A 198 18.15 22.51 25.81
C GLY A 198 16.83 21.79 25.60
N CYS A 199 16.78 20.84 24.63
CA CYS A 199 15.57 20.08 24.33
C CYS A 199 15.29 19.01 25.36
N SER A 200 14.01 18.68 25.53
CA SER A 200 13.59 17.53 26.32
C SER A 200 13.04 16.52 25.32
N LEU A 201 13.40 15.24 25.47
CA LEU A 201 12.93 14.22 24.54
C LEU A 201 12.04 13.25 25.26
N LEU A 202 10.88 12.95 24.69
CA LEU A 202 9.97 11.96 25.25
C LEU A 202 10.07 10.79 24.30
N VAL A 203 11.10 9.95 24.49
CA VAL A 203 11.41 8.82 23.64
C VAL A 203 10.49 7.64 23.90
N ILE A 204 9.58 7.32 22.96
CA ILE A 204 8.67 6.19 23.12
C ILE A 204 9.33 4.97 22.48
N THR A 205 9.48 3.85 23.21
CA THR A 205 10.15 2.67 22.67
C THR A 205 9.69 1.36 23.33
N HIS A 206 9.85 0.25 22.62
CA HIS A 206 9.63 -1.11 23.14
C HIS A 206 10.99 -1.81 23.44
N ARG A 207 12.10 -1.30 22.85
CA ARG A 207 13.45 -1.85 22.98
C ARG A 207 14.13 -1.32 24.23
N GLU A 208 14.27 -2.18 25.24
CA GLU A 208 14.87 -1.86 26.53
C GLU A 208 16.31 -1.32 26.38
N GLU A 209 17.05 -1.83 25.40
CA GLU A 209 18.43 -1.43 25.14
C GLU A 209 18.53 0.06 24.81
N LEU A 210 17.55 0.61 24.08
CA LEU A 210 17.50 2.03 23.71
C LEU A 210 17.18 2.94 24.91
N ALA A 211 16.31 2.46 25.80
CA ALA A 211 15.93 3.21 27.00
C ALA A 211 17.05 3.41 28.02
N GLU A 212 18.03 2.50 28.08
CA GLU A 212 19.13 2.62 29.05
C GLU A 212 19.99 3.86 28.87
N HIS A 213 20.03 4.41 27.64
CA HIS A 213 20.80 5.64 27.33
C HIS A 213 20.06 6.94 27.77
N ALA A 214 18.79 6.82 28.21
CA ALA A 214 17.98 7.95 28.68
C ALA A 214 18.28 8.29 30.16
N ASP A 215 17.84 9.46 30.63
CA ASP A 215 18.06 9.88 32.01
C ASP A 215 17.07 9.18 32.96
N ARG A 216 15.80 9.13 32.56
CA ARG A 216 14.72 8.52 33.35
C ARG A 216 13.88 7.61 32.43
N VAL A 217 13.31 6.52 32.97
CA VAL A 217 12.51 5.59 32.15
C VAL A 217 11.21 5.24 32.89
N SER A 218 10.08 5.25 32.19
CA SER A 218 8.80 4.90 32.79
C SER A 218 8.21 3.70 32.07
N LEU A 219 7.81 2.68 32.81
CA LEU A 219 7.27 1.46 32.25
C LEU A 219 5.75 1.51 32.21
N ILE A 220 5.18 1.54 31.00
CA ILE A 220 3.74 1.56 30.78
C ILE A 220 3.29 0.16 30.46
N CYS A 221 2.40 -0.38 31.27
CA CYS A 221 1.85 -1.70 31.07
C CYS A 221 0.32 -1.54 31.15
N ALA A 222 -0.40 -1.93 30.09
CA ALA A 222 -1.85 -1.84 30.00
C ALA A 222 -2.43 -0.47 30.38
N GLY A 223 -1.87 0.58 29.78
CA GLY A 223 -2.31 1.95 30.00
C GLY A 223 -2.00 2.56 31.34
N GLU A 224 -1.02 1.99 32.09
CA GLU A 224 -0.66 2.53 33.40
C GLU A 224 0.84 2.54 33.63
N VAL A 225 1.34 3.54 34.34
CA VAL A 225 2.78 3.62 34.63
C VAL A 225 3.13 2.79 35.88
N ILE A 226 3.58 1.54 35.68
CA ILE A 226 3.93 0.59 36.74
C ILE A 226 5.18 1.03 37.56
N LYS A 227 6.38 1.07 36.94
CA LYS A 227 7.61 1.50 37.63
C LYS A 227 8.22 2.67 36.87
N SER A 228 8.95 3.54 37.58
CA SER A 228 9.58 4.70 36.95
C SER A 228 10.80 5.13 37.73
N GLY A 229 11.80 5.63 37.03
CA GLY A 229 13.01 6.13 37.67
C GLY A 229 14.29 5.79 36.96
N ASP A 230 15.13 4.98 37.60
CA ASP A 230 16.41 4.57 37.05
C ASP A 230 16.22 3.70 35.80
N PRO A 231 16.88 4.05 34.69
CA PRO A 231 16.71 3.28 33.45
C PRO A 231 17.07 1.79 33.50
N LYS A 232 18.19 1.44 34.16
CA LYS A 232 18.66 0.04 34.25
C LYS A 232 17.77 -0.79 35.16
N GLU A 233 17.33 -0.19 36.28
CA GLU A 233 16.44 -0.83 37.27
C GLU A 233 15.05 -1.11 36.69
N VAL A 234 14.34 -0.06 36.20
CA VAL A 234 13.02 -0.24 35.58
C VAL A 234 13.10 -1.10 34.30
N GLY A 235 14.22 -1.00 33.59
CA GLY A 235 14.49 -1.78 32.39
C GLY A 235 14.61 -3.26 32.71
N GLU A 236 15.37 -3.61 33.75
CA GLU A 236 15.51 -5.02 34.15
C GLU A 236 14.17 -5.60 34.64
N PHE A 237 13.34 -4.75 35.29
CA PHE A 237 12.01 -5.11 35.76
C PHE A 237 11.12 -5.43 34.55
N TYR A 238 11.17 -4.60 33.49
CA TYR A 238 10.39 -4.77 32.25
C TYR A 238 10.69 -6.11 31.56
N LYS A 239 11.98 -6.45 31.40
CA LYS A 239 12.39 -7.70 30.76
C LYS A 239 11.89 -8.92 31.54
N LYS A 240 11.90 -8.82 32.87
CA LYS A 240 11.51 -9.88 33.80
C LYS A 240 9.98 -10.03 33.97
N GLU A 241 9.29 -8.91 34.26
CA GLU A 241 7.85 -8.88 34.50
C GLU A 241 7.06 -8.45 33.26
N CYS A 242 6.79 -9.41 32.36
CA CYS A 242 6.03 -9.12 31.15
C CYS A 242 5.13 -10.31 30.77
N LYS B 33 19.30 27.35 -34.17
CA LYS B 33 19.78 27.15 -32.81
C LYS B 33 18.99 26.12 -32.03
N GLY B 34 18.65 25.02 -32.70
CA GLY B 34 17.91 23.92 -32.10
C GLY B 34 16.75 23.44 -32.94
N PRO B 35 16.56 22.12 -33.07
CA PRO B 35 15.45 21.61 -33.89
C PRO B 35 14.12 21.93 -33.21
N ARG B 36 13.44 22.97 -33.66
CA ARG B 36 12.20 23.42 -33.03
C ARG B 36 11.09 23.70 -34.04
N ILE B 37 9.83 23.63 -33.61
CA ILE B 37 8.67 23.93 -34.45
C ILE B 37 7.86 25.02 -33.77
N ILE B 38 7.94 26.26 -34.27
CA ILE B 38 7.22 27.38 -33.67
C ILE B 38 5.91 27.65 -34.37
N VAL B 39 4.81 27.78 -33.60
CA VAL B 39 3.48 28.06 -34.13
C VAL B 39 2.84 29.20 -33.36
N LYS B 40 2.82 30.41 -33.94
CA LYS B 40 2.18 31.56 -33.32
C LYS B 40 0.84 31.73 -34.03
N GLU B 41 -0.27 31.74 -33.27
CA GLU B 41 -1.63 31.80 -33.80
C GLU B 41 -1.91 30.46 -34.54
N SER B 42 -2.49 30.46 -35.76
CA SER B 42 -2.71 29.23 -36.51
C SER B 42 -1.71 29.10 -37.66
N ARG B 43 -0.54 29.78 -37.58
CA ARG B 43 0.46 29.75 -38.64
C ARG B 43 1.79 29.22 -38.16
N ILE B 44 2.53 28.55 -39.06
CA ILE B 44 3.85 28.04 -38.72
C ILE B 44 4.81 29.22 -38.85
N ILE B 45 5.57 29.49 -37.81
CA ILE B 45 6.53 30.58 -37.83
C ILE B 45 7.89 30.02 -38.28
N ASP B 46 8.30 28.86 -37.74
CA ASP B 46 9.57 28.23 -38.11
C ASP B 46 9.52 26.70 -38.14
N VAL B 47 10.29 26.11 -39.06
CA VAL B 47 10.41 24.67 -39.23
C VAL B 47 11.87 24.29 -39.52
N GLN B 48 12.66 24.02 -38.45
CA GLN B 48 14.07 23.68 -38.61
C GLN B 48 14.41 22.33 -37.99
N GLY B 49 15.04 21.44 -38.76
CA GLY B 49 15.44 20.12 -38.29
C GLY B 49 16.90 19.85 -38.59
N ASP B 50 17.62 19.27 -37.62
CA ASP B 50 19.05 18.99 -37.74
C ASP B 50 19.37 17.65 -38.49
N GLU B 51 20.65 17.23 -38.52
CA GLU B 51 21.10 15.99 -39.17
C GLU B 51 20.60 14.79 -38.37
N GLY B 52 19.91 13.88 -39.05
CA GLY B 52 19.36 12.68 -38.41
C GLY B 52 18.00 12.87 -37.76
N ILE B 53 17.44 14.09 -37.85
CA ILE B 53 16.14 14.46 -37.29
C ILE B 53 15.38 15.32 -38.33
N ILE B 54 14.64 14.65 -39.23
CA ILE B 54 13.90 15.32 -40.30
C ILE B 54 12.64 16.00 -39.79
N LEU B 55 12.56 17.33 -39.88
CA LEU B 55 11.37 18.05 -39.46
C LEU B 55 10.66 18.70 -40.64
N GLU B 56 9.53 18.13 -41.06
CA GLU B 56 8.73 18.67 -42.17
C GLU B 56 7.49 19.38 -41.63
N GLY B 57 7.01 20.39 -42.35
CA GLY B 57 5.85 21.14 -41.92
C GLY B 57 5.21 21.95 -43.02
N LYS B 58 3.87 21.94 -43.07
CA LYS B 58 3.09 22.67 -44.07
C LYS B 58 1.69 23.03 -43.54
N GLU B 59 0.97 23.93 -44.23
CA GLU B 59 -0.38 24.31 -43.81
C GLU B 59 -1.38 23.86 -44.88
N GLU B 60 -2.33 23.01 -44.51
CA GLU B 60 -3.33 22.48 -45.42
C GLU B 60 -4.68 22.41 -44.72
N ASP B 61 -5.73 22.90 -45.39
CA ASP B 61 -7.12 22.85 -44.92
C ASP B 61 -7.35 23.42 -43.51
N GLY B 62 -6.61 24.46 -43.15
CA GLY B 62 -6.73 25.07 -41.82
C GLY B 62 -5.96 24.36 -40.71
N LYS B 63 -5.28 23.25 -41.04
CA LYS B 63 -4.51 22.47 -40.10
C LYS B 63 -3.02 22.51 -40.46
N ILE B 64 -2.15 22.25 -39.48
CA ILE B 64 -0.73 22.20 -39.71
C ILE B 64 -0.32 20.73 -39.81
N LYS B 65 0.41 20.35 -40.85
CA LYS B 65 0.83 18.97 -41.04
C LYS B 65 2.33 18.82 -40.79
N ALA B 66 2.69 18.37 -39.59
CA ALA B 66 4.11 18.19 -39.26
C ALA B 66 4.50 16.71 -39.33
N LYS B 67 5.79 16.44 -39.57
CA LYS B 67 6.30 15.07 -39.65
C LYS B 67 7.74 15.08 -39.13
N ILE B 68 7.97 14.40 -38.01
CA ILE B 68 9.29 14.32 -37.39
C ILE B 68 9.83 12.91 -37.61
N ILE B 69 11.03 12.77 -38.17
CA ILE B 69 11.62 11.45 -38.42
C ILE B 69 13.00 11.35 -37.77
N VAL B 70 13.13 10.49 -36.77
CA VAL B 70 14.42 10.29 -36.11
C VAL B 70 15.07 9.08 -36.78
N LYS B 71 16.25 9.31 -37.39
CA LYS B 71 17.00 8.33 -38.16
C LYS B 71 17.63 7.22 -37.31
N LYS B 72 17.71 6.00 -37.89
CA LYS B 72 18.22 4.78 -37.27
C LYS B 72 19.62 4.93 -36.65
N GLY B 73 19.67 4.86 -35.33
CA GLY B 73 20.92 4.97 -34.59
C GLY B 73 21.12 6.31 -33.91
N TYR B 74 20.38 7.34 -34.33
CA TYR B 74 20.54 8.68 -33.76
C TYR B 74 19.91 8.87 -32.38
N LYS B 75 20.74 8.98 -31.33
CA LYS B 75 20.29 9.17 -29.97
C LYS B 75 20.59 10.61 -29.52
N PHE B 76 19.68 11.54 -29.75
CA PHE B 76 19.88 12.94 -29.37
C PHE B 76 19.70 13.21 -27.89
N LYS B 77 20.74 13.77 -27.23
CA LYS B 77 20.65 14.09 -25.80
C LYS B 77 19.99 15.47 -25.54
N TYR B 78 19.95 16.35 -26.54
CA TYR B 78 19.33 17.67 -26.39
C TYR B 78 17.87 17.65 -26.83
N PRO B 79 16.99 18.23 -26.01
CA PRO B 79 15.55 18.18 -26.32
C PRO B 79 15.09 19.09 -27.45
N ILE B 80 14.22 18.54 -28.28
CA ILE B 80 13.56 19.22 -29.39
C ILE B 80 12.47 20.12 -28.80
N HIS B 81 12.24 21.30 -29.37
CA HIS B 81 11.21 22.19 -28.84
C HIS B 81 10.00 22.31 -29.76
N MET B 82 8.88 22.76 -29.22
CA MET B 82 7.66 22.92 -29.99
C MET B 82 6.83 23.98 -29.28
N CYS B 83 7.02 25.25 -29.67
CA CYS B 83 6.32 26.35 -28.99
C CYS B 83 5.01 26.73 -29.68
N PHE B 84 3.96 26.95 -28.88
CA PHE B 84 2.63 27.32 -29.35
C PHE B 84 2.17 28.56 -28.60
N GLY B 85 2.12 29.69 -29.30
CA GLY B 85 1.66 30.94 -28.69
C GLY B 85 0.33 31.38 -29.28
N ILE B 86 -0.61 31.83 -28.44
CA ILE B 86 -1.90 32.32 -28.91
C ILE B 86 -2.32 33.58 -28.13
N THR B 87 -2.34 34.72 -28.83
CA THR B 87 -2.73 36.01 -28.25
C THR B 87 -4.00 36.62 -28.92
N GLU B 88 -4.41 36.10 -30.08
CA GLU B 88 -5.59 36.56 -30.80
C GLU B 88 -6.85 35.85 -30.31
N GLU B 89 -7.99 36.52 -30.46
CA GLU B 89 -9.27 35.93 -30.10
C GLU B 89 -9.73 34.97 -31.20
N ASN B 90 -10.44 33.90 -30.80
CA ASN B 90 -10.97 32.86 -31.68
C ASN B 90 -9.93 32.26 -32.65
N ILE B 91 -8.91 31.58 -32.09
CA ILE B 91 -7.86 30.93 -32.87
C ILE B 91 -8.05 29.41 -32.78
N SER B 92 -7.98 28.71 -33.92
CA SER B 92 -8.11 27.26 -33.92
C SER B 92 -6.80 26.67 -34.42
N GLN B 93 -5.87 26.46 -33.47
CA GLN B 93 -4.53 25.92 -33.66
C GLN B 93 -4.60 24.40 -33.78
N ILE B 94 -4.96 23.87 -34.96
CA ILE B 94 -5.05 22.43 -35.17
C ILE B 94 -3.77 21.90 -35.79
N ILE B 95 -3.09 20.99 -35.09
CA ILE B 95 -1.84 20.42 -35.60
C ILE B 95 -1.87 18.89 -35.66
N ASP B 96 -1.70 18.34 -36.86
CA ASP B 96 -1.61 16.91 -37.09
C ASP B 96 -0.13 16.61 -37.26
N VAL B 97 0.46 15.88 -36.32
CA VAL B 97 1.89 15.57 -36.38
C VAL B 97 2.12 14.06 -36.38
N GLU B 98 3.14 13.59 -37.10
CA GLU B 98 3.48 12.18 -37.13
C GLU B 98 4.93 12.11 -36.68
N ILE B 99 5.21 11.36 -35.61
CA ILE B 99 6.56 11.23 -35.11
C ILE B 99 7.01 9.79 -35.32
N ILE B 100 8.07 9.59 -36.11
CA ILE B 100 8.58 8.26 -36.39
C ILE B 100 9.99 8.16 -35.87
N LEU B 101 10.27 7.14 -35.06
CA LEU B 101 11.59 6.92 -34.53
C LEU B 101 12.06 5.58 -35.08
N GLU B 102 13.17 5.57 -35.83
CA GLU B 102 13.69 4.33 -36.41
C GLU B 102 14.50 3.53 -35.37
N GLU B 103 14.77 2.23 -35.66
CA GLU B 103 15.50 1.32 -34.76
C GLU B 103 16.70 1.94 -34.08
N ASP B 104 16.78 1.81 -32.75
CA ASP B 104 17.86 2.30 -31.90
C ASP B 104 18.00 3.84 -31.82
N SER B 105 16.96 4.61 -32.20
CA SER B 105 17.03 6.07 -32.11
C SER B 105 16.50 6.59 -30.75
N SER B 106 16.69 7.89 -30.44
CA SER B 106 16.26 8.45 -29.15
C SER B 106 16.00 9.94 -29.28
N ILE B 107 14.89 10.43 -28.71
CA ILE B 107 14.56 11.86 -28.78
C ILE B 107 13.63 12.27 -27.65
N SER B 108 13.71 13.54 -27.23
CA SER B 108 12.85 14.11 -26.21
C SER B 108 12.20 15.36 -26.80
N LEU B 109 10.88 15.46 -26.74
CA LEU B 109 10.16 16.60 -27.28
C LEU B 109 9.57 17.42 -26.13
N MET B 110 9.89 18.70 -26.07
CA MET B 110 9.39 19.59 -25.05
C MET B 110 8.44 20.62 -25.66
N SER B 111 7.15 20.34 -25.61
CA SER B 111 6.12 21.22 -26.13
C SER B 111 5.76 22.28 -25.07
N HIS B 112 5.73 23.56 -25.45
CA HIS B 112 5.39 24.66 -24.53
C HIS B 112 4.19 25.44 -25.07
N CYS B 113 3.15 25.63 -24.27
CA CYS B 113 1.98 26.38 -24.70
C CYS B 113 1.79 27.62 -23.88
N SER B 114 1.73 28.79 -24.53
CA SER B 114 1.50 30.05 -23.82
C SER B 114 0.22 30.68 -24.35
N PHE B 115 -0.85 30.62 -23.57
CA PHE B 115 -2.14 31.18 -23.96
C PHE B 115 -2.58 32.17 -22.88
N PRO B 116 -2.01 33.39 -22.85
CA PRO B 116 -2.37 34.34 -21.78
C PRO B 116 -3.67 35.11 -21.96
N LYS B 117 -4.08 35.37 -23.21
CA LYS B 117 -5.30 36.13 -23.47
C LYS B 117 -6.53 35.24 -23.23
N GLY B 118 -6.49 34.04 -23.78
CA GLY B 118 -7.49 32.98 -23.60
C GLY B 118 -8.94 33.16 -23.98
N LYS B 119 -9.27 34.04 -24.96
CA LYS B 119 -10.65 34.19 -25.37
C LYS B 119 -10.90 33.53 -26.72
N GLY B 120 -11.60 32.42 -26.70
CA GLY B 120 -11.95 31.68 -27.90
C GLY B 120 -10.85 30.80 -28.46
N ILE B 121 -9.76 30.60 -27.70
CA ILE B 121 -8.63 29.76 -28.10
C ILE B 121 -9.06 28.28 -28.22
N LYS B 122 -8.38 27.56 -29.13
CA LYS B 122 -8.59 26.13 -29.33
C LYS B 122 -7.28 25.53 -29.82
N HIS B 123 -6.57 24.83 -28.96
CA HIS B 123 -5.34 24.16 -29.35
C HIS B 123 -5.66 22.68 -29.50
N ILE B 124 -5.63 22.14 -30.72
CA ILE B 124 -5.94 20.74 -30.94
C ILE B 124 -4.74 20.06 -31.54
N MET B 125 -4.24 18.98 -30.91
CA MET B 125 -3.12 18.26 -31.46
C MET B 125 -3.53 16.83 -31.69
N ASN B 126 -3.36 16.31 -32.92
CA ASN B 126 -3.67 14.93 -33.23
C ASN B 126 -2.36 14.33 -33.66
N GLY B 127 -1.82 13.41 -32.84
CA GLY B 127 -0.52 12.83 -33.12
C GLY B 127 -0.49 11.33 -33.33
N ILE B 128 0.36 10.86 -34.25
CA ILE B 128 0.58 9.45 -34.51
C ILE B 128 2.05 9.21 -34.23
N ILE B 129 2.37 8.48 -33.17
CA ILE B 129 3.74 8.22 -32.80
C ILE B 129 4.07 6.75 -33.03
N LYS B 130 5.17 6.49 -33.75
CA LYS B 130 5.61 5.14 -34.07
C LYS B 130 7.04 5.01 -33.59
N ILE B 131 7.26 4.24 -32.52
CA ILE B 131 8.54 4.02 -31.90
C ILE B 131 9.09 2.67 -32.34
N GLY B 132 10.20 2.69 -33.07
CA GLY B 132 10.83 1.50 -33.63
C GLY B 132 11.50 0.60 -32.61
N LYS B 133 12.09 -0.53 -33.08
CA LYS B 133 12.76 -1.51 -32.23
C LYS B 133 13.91 -0.87 -31.44
N ASN B 134 13.82 -0.88 -30.12
CA ASN B 134 14.80 -0.32 -29.19
C ASN B 134 14.97 1.20 -29.33
N ALA B 135 13.90 1.90 -29.73
CA ALA B 135 13.91 3.36 -29.82
C ALA B 135 13.31 3.95 -28.53
N LYS B 136 13.55 5.25 -28.26
CA LYS B 136 13.07 5.88 -27.03
C LYS B 136 12.51 7.27 -27.29
N PHE B 137 11.23 7.47 -26.99
CA PHE B 137 10.60 8.78 -27.16
C PHE B 137 10.10 9.30 -25.83
N SER B 138 10.31 10.59 -25.55
CA SER B 138 9.88 11.26 -24.32
C SER B 138 9.18 12.54 -24.72
N TYR B 139 8.00 12.79 -24.18
CA TYR B 139 7.20 13.97 -24.50
C TYR B 139 6.83 14.68 -23.22
N ASN B 140 7.05 16.00 -23.18
CA ASN B 140 6.72 16.81 -22.01
C ASN B 140 6.01 18.05 -22.49
N GLU B 141 4.75 18.25 -22.10
CA GLU B 141 4.00 19.43 -22.51
C GLU B 141 3.62 20.24 -21.31
N PHE B 142 4.04 21.50 -21.27
CA PHE B 142 3.74 22.44 -20.18
C PHE B 142 2.86 23.56 -20.71
N HIS B 143 1.91 24.02 -19.91
CA HIS B 143 0.99 25.07 -20.30
C HIS B 143 1.04 26.24 -19.34
N TYR B 144 0.97 27.46 -19.88
CA TYR B 144 0.95 28.69 -19.11
C TYR B 144 -0.23 29.45 -19.63
N HIS B 145 -1.29 29.55 -18.84
CA HIS B 145 -2.51 30.22 -19.28
C HIS B 145 -2.81 31.47 -18.43
N GLY B 146 -3.71 32.31 -18.92
CA GLY B 146 -4.17 33.47 -18.17
C GLY B 146 -5.35 33.12 -17.29
N MET B 147 -6.07 34.13 -16.78
CA MET B 147 -7.20 33.86 -15.89
C MET B 147 -8.57 33.73 -16.56
N ASP B 148 -8.68 33.76 -17.92
CA ASP B 148 -9.98 33.47 -18.53
C ASP B 148 -9.95 32.05 -19.10
N GLY B 149 -11.02 31.33 -18.86
CA GLY B 149 -11.12 29.91 -19.18
C GLY B 149 -11.79 29.50 -20.46
N ASP B 150 -11.71 30.35 -21.51
CA ASP B 150 -12.27 29.98 -22.81
C ASP B 150 -11.18 29.40 -23.71
N ILE B 151 -10.51 28.37 -23.19
CA ILE B 151 -9.43 27.65 -23.86
C ILE B 151 -9.83 26.18 -23.95
N LEU B 152 -9.53 25.54 -25.08
CA LEU B 152 -9.77 24.11 -25.21
C LEU B 152 -8.45 23.50 -25.64
N VAL B 153 -7.81 22.73 -24.77
CA VAL B 153 -6.56 22.02 -25.08
C VAL B 153 -6.99 20.60 -25.35
N LYS B 154 -6.86 20.12 -26.60
CA LYS B 154 -7.31 18.78 -26.93
C LYS B 154 -6.29 17.91 -27.63
N PRO B 155 -5.43 17.24 -26.85
CA PRO B 155 -4.47 16.32 -27.46
C PRO B 155 -5.04 14.90 -27.64
N THR B 156 -4.85 14.30 -28.84
CA THR B 156 -5.20 12.90 -29.11
C THR B 156 -3.89 12.29 -29.57
N VAL B 157 -3.38 11.25 -28.88
CA VAL B 157 -2.10 10.66 -29.24
C VAL B 157 -2.20 9.13 -29.44
N LYS B 158 -1.92 8.64 -30.67
CA LYS B 158 -1.92 7.20 -30.98
C LYS B 158 -0.47 6.79 -30.99
N VAL B 159 -0.09 5.82 -30.15
CA VAL B 159 1.31 5.43 -30.03
C VAL B 159 1.47 3.94 -30.32
N GLU B 160 2.40 3.61 -31.21
CA GLU B 160 2.67 2.23 -31.56
C GLU B 160 4.13 1.97 -31.19
N ILE B 161 4.38 1.02 -30.28
CA ILE B 161 5.73 0.75 -29.79
C ILE B 161 6.21 -0.65 -30.19
N ASP B 162 7.34 -0.71 -30.87
CA ASP B 162 7.92 -1.98 -31.30
C ASP B 162 8.75 -2.64 -30.18
N GLU B 163 9.21 -3.89 -30.40
CA GLU B 163 10.02 -4.64 -29.44
C GLU B 163 11.18 -3.83 -28.87
N GLY B 164 11.14 -3.60 -27.56
CA GLY B 164 12.17 -2.87 -26.83
C GLY B 164 12.01 -1.36 -26.78
N GLY B 165 10.94 -0.84 -27.37
CA GLY B 165 10.70 0.60 -27.39
C GLY B 165 10.32 1.21 -26.05
N ILE B 166 10.50 2.55 -25.91
CA ILE B 166 10.17 3.25 -24.67
C ILE B 166 9.35 4.52 -24.96
N TYR B 167 8.25 4.73 -24.21
CA TYR B 167 7.43 5.92 -24.38
C TYR B 167 7.23 6.57 -23.02
N ILE B 168 7.60 7.85 -22.91
CA ILE B 168 7.45 8.61 -21.67
C ILE B 168 6.64 9.84 -22.00
N SER B 169 5.53 10.08 -21.32
CA SER B 169 4.65 11.19 -21.65
C SER B 169 4.27 11.94 -20.39
N ASN B 170 4.26 13.27 -20.46
CA ASN B 170 3.94 14.13 -19.35
C ASN B 170 3.15 15.35 -19.80
N PHE B 171 1.97 15.56 -19.23
CA PHE B 171 1.17 16.73 -19.53
C PHE B 171 0.99 17.47 -18.21
N THR B 172 1.39 18.74 -18.17
CA THR B 172 1.24 19.57 -16.99
C THR B 172 0.46 20.81 -17.33
N LEU B 173 -0.60 21.07 -16.57
CA LEU B 173 -1.43 22.25 -16.73
C LEU B 173 -1.73 22.73 -15.33
N THR B 174 -0.84 23.54 -14.79
CA THR B 174 -0.98 24.04 -13.42
C THR B 174 -0.86 25.56 -13.31
N LYS B 175 -0.80 26.27 -14.46
CA LYS B 175 -0.62 27.71 -14.54
C LYS B 175 -1.84 28.37 -15.16
N GLY B 176 -2.51 29.19 -14.36
CA GLY B 176 -3.70 29.90 -14.81
C GLY B 176 -4.91 28.99 -14.88
N ARG B 177 -5.92 29.40 -15.64
CA ARG B 177 -7.11 28.60 -15.80
C ARG B 177 -6.89 27.60 -16.93
N ILE B 178 -7.17 26.32 -16.69
CA ILE B 178 -7.01 25.30 -17.71
C ILE B 178 -8.01 25.55 -18.86
N GLY B 179 -9.26 25.81 -18.51
CA GLY B 179 -10.35 25.96 -19.45
C GLY B 179 -10.99 24.59 -19.55
N THR B 180 -10.76 23.88 -20.66
CA THR B 180 -11.23 22.52 -20.82
C THR B 180 -10.08 21.70 -21.35
N LEU B 181 -9.60 20.74 -20.56
CA LEU B 181 -8.54 19.85 -21.00
C LEU B 181 -9.20 18.55 -21.46
N ASP B 182 -8.85 18.06 -22.66
CA ASP B 182 -9.42 16.80 -23.15
C ASP B 182 -8.32 15.94 -23.73
N ILE B 183 -7.71 15.10 -22.92
CA ILE B 183 -6.60 14.26 -23.35
C ILE B 183 -7.11 12.88 -23.70
N GLU B 184 -6.67 12.34 -24.84
CA GLU B 184 -6.99 10.97 -25.21
C GLU B 184 -5.72 10.33 -25.70
N GLN B 185 -5.34 9.17 -25.15
CA GLN B 185 -4.16 8.45 -25.60
C GLN B 185 -4.42 6.98 -25.75
N GLU B 186 -3.88 6.37 -26.80
CA GLU B 186 -3.98 4.93 -26.97
C GLU B 186 -2.62 4.45 -27.39
N ILE B 187 -2.01 3.57 -26.57
CA ILE B 187 -0.68 3.02 -26.76
C ILE B 187 -0.76 1.51 -26.96
N ILE B 188 -0.14 0.99 -28.03
CA ILE B 188 -0.09 -0.43 -28.36
C ILE B 188 1.36 -0.83 -28.23
N ALA B 189 1.69 -1.72 -27.30
CA ALA B 189 3.07 -2.07 -27.02
C ALA B 189 3.41 -3.52 -27.32
N LYS B 190 4.58 -3.74 -27.93
CA LYS B 190 5.07 -5.07 -28.23
C LYS B 190 6.14 -5.48 -27.17
N LYS B 191 6.75 -6.67 -27.32
CA LYS B 191 7.76 -7.28 -26.47
C LYS B 191 8.72 -6.28 -25.84
N ASP B 192 8.93 -6.36 -24.52
CA ASP B 192 9.91 -5.56 -23.76
C ASP B 192 9.74 -4.03 -23.85
N ALA B 193 8.55 -3.52 -24.20
CA ALA B 193 8.33 -2.07 -24.22
C ALA B 193 8.17 -1.52 -22.78
N ILE B 194 8.41 -0.22 -22.60
CA ILE B 194 8.26 0.43 -21.31
C ILE B 194 7.49 1.70 -21.53
N ILE B 195 6.37 1.89 -20.81
CA ILE B 195 5.53 3.08 -20.95
C ILE B 195 5.39 3.75 -19.60
N ASP B 196 5.49 5.07 -19.57
CA ASP B 196 5.36 5.89 -18.38
C ASP B 196 4.56 7.12 -18.77
N ILE B 197 3.28 7.21 -18.39
CA ILE B 197 2.40 8.34 -18.74
C ILE B 197 1.99 9.06 -17.49
N THR B 198 2.12 10.39 -17.45
CA THR B 198 1.80 11.18 -16.26
C THR B 198 0.96 12.41 -16.60
N THR B 199 0.15 12.87 -15.64
CA THR B 199 -0.67 14.07 -15.80
C THR B 199 -0.67 14.86 -14.48
N ARG B 200 -0.27 16.14 -14.50
CA ARG B 200 -0.31 16.98 -13.32
C ARG B 200 -1.20 18.15 -13.63
N THR B 201 -2.28 18.32 -12.89
CA THR B 201 -3.23 19.39 -13.16
C THR B 201 -3.62 20.19 -11.94
N TYR B 202 -3.98 21.44 -12.18
CA TYR B 202 -4.46 22.31 -11.15
C TYR B 202 -5.69 23.01 -11.70
N ALA B 203 -6.88 22.48 -11.39
CA ALA B 203 -8.14 22.98 -11.89
C ALA B 203 -8.79 23.94 -10.92
N ILE B 204 -9.16 25.12 -11.41
CA ILE B 204 -9.79 26.23 -10.68
C ILE B 204 -11.04 26.73 -11.42
N LYS B 205 -11.84 27.57 -10.74
CA LYS B 205 -13.05 28.19 -11.28
C LYS B 205 -13.98 27.13 -11.91
N GLU B 206 -14.40 27.24 -13.17
CA GLU B 206 -15.27 26.25 -13.79
C GLU B 206 -14.48 25.33 -14.74
N ASP B 207 -13.19 25.09 -14.46
CA ASP B 207 -12.33 24.24 -15.28
C ASP B 207 -12.84 22.83 -15.43
N VAL B 208 -12.62 22.25 -16.60
CA VAL B 208 -13.01 20.88 -16.87
C VAL B 208 -11.74 20.13 -17.23
N VAL B 209 -11.45 19.00 -16.57
CA VAL B 209 -10.30 18.18 -16.92
C VAL B 209 -10.84 16.82 -17.31
N LYS B 210 -10.51 16.36 -18.52
CA LYS B 210 -10.91 15.06 -19.03
C LYS B 210 -9.65 14.30 -19.46
N VAL B 211 -9.42 13.11 -18.90
CA VAL B 211 -8.24 12.32 -19.26
C VAL B 211 -8.67 10.92 -19.58
N ASN B 212 -8.35 10.43 -20.78
CA ASN B 212 -8.74 9.08 -21.17
C ASN B 212 -7.54 8.42 -21.76
N GLU B 213 -6.87 7.54 -21.00
CA GLU B 213 -5.67 6.89 -21.52
C GLU B 213 -5.80 5.39 -21.51
N VAL B 214 -5.44 4.72 -22.61
CA VAL B 214 -5.48 3.27 -22.67
C VAL B 214 -4.09 2.77 -23.05
N VAL B 215 -3.54 1.80 -22.30
CA VAL B 215 -2.26 1.18 -22.65
C VAL B 215 -2.47 -0.32 -22.82
N LYS B 216 -2.20 -0.84 -24.01
CA LYS B 216 -2.36 -2.26 -24.28
C LYS B 216 -1.00 -2.94 -24.33
N LEU B 217 -0.67 -3.76 -23.32
CA LEU B 217 0.60 -4.49 -23.25
C LEU B 217 0.42 -5.80 -24.03
N ASN B 218 0.62 -5.69 -25.36
CA ASN B 218 0.38 -6.79 -26.31
C ASN B 218 1.61 -7.65 -26.66
N GLY B 219 2.73 -7.38 -25.99
CA GLY B 219 3.94 -8.16 -26.19
C GLY B 219 4.50 -8.65 -24.88
N GLU B 220 5.21 -9.76 -24.92
CA GLU B 220 5.80 -10.37 -23.73
C GLU B 220 6.70 -9.42 -22.97
N ASN B 221 6.49 -9.32 -21.64
CA ASN B 221 7.33 -8.53 -20.74
C ASN B 221 7.17 -6.99 -20.91
N ALA B 222 6.13 -6.53 -21.63
CA ALA B 222 5.87 -5.08 -21.79
C ALA B 222 5.42 -4.50 -20.44
N LYS B 223 5.99 -3.37 -20.04
CA LYS B 223 5.68 -2.79 -18.73
C LYS B 223 5.10 -1.40 -18.84
N CYS B 224 4.18 -1.04 -17.93
CA CYS B 224 3.56 0.27 -17.97
C CYS B 224 3.23 0.87 -16.60
N ILE B 225 3.33 2.20 -16.50
CA ILE B 225 2.84 2.96 -15.36
C ILE B 225 2.02 4.17 -15.86
N ILE B 226 0.78 4.33 -15.34
CA ILE B 226 -0.06 5.48 -15.67
C ILE B 226 -0.25 6.18 -14.33
N LYS B 227 0.16 7.44 -14.26
CA LYS B 227 0.12 8.19 -13.04
C LYS B 227 -0.66 9.47 -13.23
N SER B 228 -1.50 9.80 -12.28
CA SER B 228 -2.25 11.05 -12.32
C SER B 228 -2.14 11.73 -10.96
N ARG B 229 -1.76 13.01 -10.98
CA ARG B 229 -1.61 13.85 -9.80
C ARG B 229 -2.34 15.16 -10.06
N GLY B 230 -3.02 15.72 -9.07
CA GLY B 230 -3.74 16.96 -9.27
C GLY B 230 -4.55 17.47 -8.11
N ALA B 231 -5.00 18.72 -8.22
CA ALA B 231 -5.85 19.37 -7.22
C ALA B 231 -6.98 20.08 -7.96
N ALA B 232 -8.21 19.92 -7.47
CA ALA B 232 -9.37 20.51 -8.09
C ALA B 232 -10.06 21.41 -7.07
N MET B 233 -10.24 22.69 -7.41
CA MET B 233 -10.86 23.69 -6.54
C MET B 233 -12.12 24.31 -7.18
N ASP B 234 -12.81 25.20 -6.44
CA ASP B 234 -13.97 25.99 -6.86
C ASP B 234 -15.10 25.11 -7.49
N ASN B 235 -15.44 25.28 -8.77
CA ASN B 235 -16.49 24.48 -9.40
C ASN B 235 -15.92 23.61 -10.54
N SER B 236 -14.69 23.12 -10.37
CA SER B 236 -14.06 22.29 -11.40
C SER B 236 -14.64 20.89 -11.48
N LYS B 237 -14.49 20.26 -12.65
CA LYS B 237 -15.00 18.94 -12.93
C LYS B 237 -13.89 18.08 -13.52
N ILE B 238 -13.50 17.01 -12.81
CA ILE B 238 -12.41 16.14 -13.23
C ILE B 238 -12.93 14.74 -13.57
N SER B 239 -12.48 14.19 -14.70
CA SER B 239 -12.81 12.81 -15.08
C SER B 239 -11.52 12.16 -15.51
N LEU B 240 -11.09 11.12 -14.82
CA LEU B 240 -9.84 10.43 -15.14
C LEU B 240 -10.13 8.96 -15.44
N LYS B 241 -10.09 8.58 -16.72
CA LYS B 241 -10.29 7.19 -17.13
CA LYS B 241 -10.28 7.19 -17.13
C LYS B 241 -8.93 6.69 -17.59
N LEU B 242 -8.31 5.80 -16.82
CA LEU B 242 -6.97 5.28 -17.10
C LEU B 242 -7.06 3.77 -17.20
N LYS B 243 -6.54 3.18 -18.28
CA LYS B 243 -6.71 1.74 -18.51
C LYS B 243 -5.46 0.99 -18.91
N ILE B 244 -5.27 -0.21 -18.35
CA ILE B 244 -4.14 -1.05 -18.76
C ILE B 244 -4.63 -2.45 -19.11
N GLU B 245 -4.22 -2.95 -20.27
CA GLU B 245 -4.57 -4.31 -20.66
C GLU B 245 -3.33 -5.18 -20.66
N GLY B 246 -3.31 -6.18 -19.79
CA GLY B 246 -2.20 -7.11 -19.68
C GLY B 246 -2.56 -8.31 -20.52
N ASN B 247 -2.23 -8.22 -21.83
CA ASN B 247 -2.62 -9.25 -22.79
C ASN B 247 -1.58 -10.29 -23.11
N ALA B 248 -0.35 -10.12 -22.59
CA ALA B 248 0.75 -11.02 -22.91
C ALA B 248 1.46 -11.54 -21.65
N PRO B 249 2.13 -12.70 -21.75
CA PRO B 249 2.84 -13.22 -20.58
C PRO B 249 3.95 -12.30 -20.13
N TYR B 250 4.07 -12.13 -18.81
CA TYR B 250 5.05 -11.32 -18.12
C TYR B 250 4.85 -9.80 -18.29
N SER B 251 3.68 -9.38 -18.82
CA SER B 251 3.38 -7.95 -18.91
C SER B 251 2.97 -7.45 -17.51
N LYS B 252 3.49 -6.29 -17.10
CA LYS B 252 3.20 -5.75 -15.76
C LYS B 252 2.75 -4.31 -15.88
N GLY B 253 1.78 -3.90 -15.06
CA GLY B 253 1.30 -2.54 -15.11
C GLY B 253 0.86 -2.01 -13.77
N HIS B 254 0.86 -0.68 -13.63
CA HIS B 254 0.41 -0.04 -12.41
C HIS B 254 -0.27 1.30 -12.69
N ILE B 255 -1.44 1.52 -12.10
CA ILE B 255 -2.15 2.79 -12.24
C ILE B 255 -2.11 3.47 -10.86
N ASP B 256 -1.66 4.71 -10.80
CA ASP B 256 -1.54 5.45 -9.56
C ASP B 256 -2.27 6.74 -9.75
N CYS B 257 -3.33 6.98 -8.99
CA CYS B 257 -4.11 8.19 -9.14
C CYS B 257 -4.31 8.88 -7.84
N ALA B 258 -4.08 10.20 -7.77
CA ALA B 258 -4.25 10.95 -6.52
C ALA B 258 -4.81 12.29 -6.88
N GLU B 259 -5.96 12.67 -6.27
CA GLU B 259 -6.60 13.93 -6.65
C GLU B 259 -7.21 14.61 -5.45
N ILE B 260 -6.76 15.85 -5.13
CA ILE B 260 -7.28 16.60 -3.99
C ILE B 260 -8.54 17.36 -4.41
N VAL B 261 -9.56 17.33 -3.58
CA VAL B 261 -10.81 18.02 -3.83
C VAL B 261 -10.95 19.14 -2.80
N LYS B 262 -11.15 20.37 -3.28
CA LYS B 262 -11.36 21.56 -2.45
C LYS B 262 -12.59 22.29 -3.00
N GLY B 263 -13.33 22.96 -2.13
CA GLY B 263 -14.52 23.70 -2.54
C GLY B 263 -15.61 22.79 -3.06
N ASN B 264 -16.29 23.21 -4.15
CA ASN B 264 -17.36 22.44 -4.76
C ASN B 264 -16.92 21.62 -5.97
N ALA B 265 -15.61 21.28 -6.04
CA ALA B 265 -15.05 20.50 -7.13
C ALA B 265 -15.59 19.08 -7.12
N GLU B 266 -15.68 18.49 -8.30
CA GLU B 266 -16.19 17.13 -8.45
C GLU B 266 -15.23 16.30 -9.23
N VAL B 267 -14.95 15.11 -8.74
CA VAL B 267 -13.98 14.24 -9.34
C VAL B 267 -14.53 12.84 -9.59
N GLU B 268 -14.21 12.29 -10.73
CA GLU B 268 -14.55 10.93 -11.08
C GLU B 268 -13.26 10.19 -11.51
N SER B 269 -12.94 9.10 -10.84
CA SER B 269 -11.75 8.31 -11.14
C SER B 269 -12.16 6.90 -11.61
N ILE B 270 -11.92 6.59 -12.89
CA ILE B 270 -12.27 5.29 -13.47
C ILE B 270 -11.03 4.55 -13.99
N PRO B 271 -10.37 3.82 -13.10
CA PRO B 271 -9.15 3.11 -13.51
C PRO B 271 -9.37 1.63 -13.87
N ILE B 272 -9.52 1.32 -15.15
CA ILE B 272 -9.79 -0.04 -15.64
C ILE B 272 -8.56 -0.95 -15.78
N VAL B 273 -8.68 -2.20 -15.29
CA VAL B 273 -7.62 -3.17 -15.45
C VAL B 273 -8.16 -4.41 -16.17
N VAL B 274 -7.55 -4.77 -17.30
CA VAL B 274 -7.97 -5.98 -18.03
C VAL B 274 -6.81 -6.94 -18.08
N VAL B 275 -7.01 -8.21 -17.74
CA VAL B 275 -5.94 -9.20 -17.78
C VAL B 275 -6.40 -10.41 -18.62
N ARG B 276 -5.65 -10.72 -19.70
CA ARG B 276 -5.97 -11.81 -20.61
C ARG B 276 -4.85 -12.87 -20.72
N ASP B 277 -3.94 -12.93 -19.71
CA ASP B 277 -2.84 -13.90 -19.63
C ASP B 277 -2.59 -14.27 -18.16
N ASP B 278 -2.37 -15.57 -17.86
CA ASP B 278 -2.16 -15.99 -16.47
C ASP B 278 -0.76 -15.66 -15.90
N LYS B 279 0.15 -15.13 -16.75
CA LYS B 279 1.48 -14.67 -16.34
C LYS B 279 1.62 -13.16 -16.39
N ALA B 280 0.50 -12.41 -16.52
CA ALA B 280 0.40 -10.96 -16.54
C ALA B 280 -0.10 -10.50 -15.17
N ARG B 281 0.29 -9.30 -14.73
CA ARG B 281 -0.18 -8.79 -13.42
C ARG B 281 -0.26 -7.29 -13.40
N ILE B 282 -1.43 -6.76 -13.06
CA ILE B 282 -1.64 -5.33 -13.03
C ILE B 282 -2.22 -4.94 -11.71
N THR B 283 -1.73 -3.85 -11.17
CA THR B 283 -2.24 -3.32 -9.92
C THR B 283 -2.67 -1.87 -10.12
N HIS B 284 -3.51 -1.37 -9.21
CA HIS B 284 -3.98 0.01 -9.24
CA HIS B 284 -3.97 0.01 -9.24
C HIS B 284 -4.24 0.52 -7.82
N GLU B 285 -3.94 1.79 -7.59
CA GLU B 285 -4.15 2.44 -6.32
C GLU B 285 -4.64 3.85 -6.58
N ALA B 286 -5.61 4.34 -5.79
CA ALA B 286 -6.10 5.70 -5.96
C ALA B 286 -6.58 6.28 -4.67
N ALA B 287 -6.41 7.59 -4.52
CA ALA B 287 -6.86 8.31 -3.32
C ALA B 287 -7.48 9.59 -3.84
N ILE B 288 -8.78 9.78 -3.54
CA ILE B 288 -9.54 10.91 -4.12
C ILE B 288 -10.29 11.58 -3.01
N GLY B 289 -10.28 12.91 -2.98
CA GLY B 289 -10.97 13.65 -1.92
C GLY B 289 -10.08 14.58 -1.12
N SER B 290 -10.37 14.72 0.16
CA SER B 290 -9.60 15.61 1.04
C SER B 290 -8.19 15.12 1.26
N VAL B 291 -7.28 16.01 1.66
CA VAL B 291 -5.87 15.64 1.91
C VAL B 291 -5.77 14.55 2.98
N ASP B 292 -4.75 13.67 2.86
CA ASP B 292 -4.49 12.58 3.81
C ASP B 292 -4.33 13.17 5.21
N LYS B 293 -5.05 12.60 6.19
CA LYS B 293 -5.07 13.11 7.54
C LYS B 293 -3.69 13.08 8.21
N LYS B 294 -2.91 12.03 7.97
CA LYS B 294 -1.58 11.91 8.54
C LYS B 294 -0.64 12.97 7.96
N GLN B 295 -0.76 13.26 6.68
CA GLN B 295 0.06 14.27 6.03
C GLN B 295 -0.23 15.65 6.62
N LEU B 296 -1.53 15.95 6.79
CA LEU B 296 -2.01 17.22 7.29
C LEU B 296 -1.52 17.40 8.72
N GLU B 297 -1.73 16.38 9.57
CA GLU B 297 -1.34 16.40 10.98
C GLU B 297 0.15 16.42 11.19
N THR B 298 0.92 15.87 10.28
CA THR B 298 2.39 15.89 10.35
C THR B 298 2.86 17.32 10.13
N LEU B 299 2.28 18.03 9.13
CA LEU B 299 2.67 19.41 8.88
C LEU B 299 2.18 20.36 10.00
N MET B 300 1.00 20.08 10.59
CA MET B 300 0.50 20.89 11.70
C MET B 300 1.36 20.71 12.96
N ALA B 301 2.04 19.56 13.11
CA ALA B 301 2.95 19.31 14.24
C ALA B 301 4.27 20.11 14.08
N LYS B 302 4.52 20.69 12.89
CA LYS B 302 5.62 21.60 12.57
C LYS B 302 5.20 23.10 12.87
N GLY B 303 3.98 23.35 13.34
CA GLY B 303 3.51 24.69 13.62
C GLY B 303 2.71 25.34 12.51
N LEU B 304 2.51 24.66 11.38
CA LEU B 304 1.72 25.20 10.28
C LEU B 304 0.23 25.07 10.61
N ASP B 305 -0.62 26.07 10.26
CA ASP B 305 -2.06 25.92 10.49
C ASP B 305 -2.69 25.01 9.40
N GLU B 306 -3.93 24.54 9.60
CA GLU B 306 -4.59 23.68 8.62
C GLU B 306 -4.58 24.22 7.20
N ASP B 307 -4.72 25.55 7.03
CA ASP B 307 -4.71 26.14 5.70
C ASP B 307 -3.32 26.20 5.09
N GLU B 308 -2.29 26.50 5.90
CA GLU B 308 -0.92 26.53 5.42
C GLU B 308 -0.49 25.11 5.03
N ALA B 309 -0.83 24.10 5.87
CA ALA B 309 -0.50 22.70 5.65
C ALA B 309 -1.17 22.15 4.40
N THR B 310 -2.46 22.49 4.18
CA THR B 310 -3.19 22.06 3.00
C THR B 310 -2.58 22.70 1.74
N GLU B 311 -2.25 23.99 1.81
CA GLU B 311 -1.61 24.73 0.72
C GLU B 311 -0.28 24.10 0.35
N ILE B 312 0.49 23.63 1.32
CA ILE B 312 1.77 22.98 1.09
C ILE B 312 1.60 21.66 0.35
N ILE B 313 0.63 20.84 0.80
CA ILE B 313 0.30 19.55 0.19
C ILE B 313 -0.18 19.71 -1.25
N VAL B 314 -1.10 20.64 -1.48
CA VAL B 314 -1.64 20.95 -2.80
C VAL B 314 -0.53 21.46 -3.73
N LYS B 315 0.35 22.36 -3.25
CA LYS B 315 1.45 22.87 -4.07
C LYS B 315 2.42 21.76 -4.46
N GLY B 316 2.70 20.86 -3.54
CA GLY B 316 3.58 19.73 -3.82
C GLY B 316 2.95 18.77 -4.81
N MET B 317 1.62 18.57 -4.70
CA MET B 317 0.82 17.70 -5.54
C MET B 317 0.86 18.15 -7.00
N ILE B 318 0.74 19.47 -7.23
CA ILE B 318 0.75 20.05 -8.55
C ILE B 318 2.16 20.42 -9.10
N GLY B 319 3.21 20.10 -8.35
CA GLY B 319 4.58 20.33 -8.81
C GLY B 319 5.11 21.75 -8.71
N ASP B 320 4.56 22.57 -7.78
CA ASP B 320 4.98 23.95 -7.52
C ASP B 320 6.15 24.02 -6.51
N LEU B 321 6.05 23.21 -5.42
CA LEU B 321 6.95 23.12 -4.24
C LEU B 321 8.32 22.45 -4.48
N GLY C 1 39.50 -23.01 -1.80
CA GLY C 1 39.71 -24.31 -2.43
C GLY C 1 38.88 -25.43 -1.81
N GLU C 2 39.52 -26.58 -1.62
CA GLU C 2 38.89 -27.76 -1.04
C GLU C 2 39.24 -27.97 0.44
N PHE C 3 39.77 -26.93 1.14
CA PHE C 3 40.17 -27.12 2.55
C PHE C 3 39.03 -26.86 3.51
N MET C 4 38.75 -27.87 4.38
CA MET C 4 37.69 -27.87 5.39
C MET C 4 36.28 -27.91 4.80
N VAL C 5 36.11 -28.28 3.52
CA VAL C 5 34.80 -28.29 2.90
C VAL C 5 33.88 -29.36 3.46
N SER C 6 34.44 -30.45 4.05
CA SER C 6 33.63 -31.52 4.61
C SER C 6 32.77 -31.11 5.81
N ILE C 7 33.14 -30.03 6.50
CA ILE C 7 32.36 -29.48 7.60
C ILE C 7 31.62 -28.16 7.22
N MET C 8 31.54 -27.86 5.93
CA MET C 8 30.88 -26.66 5.44
C MET C 8 29.51 -27.00 4.88
N LEU C 9 28.51 -26.24 5.32
CA LEU C 9 27.14 -26.38 4.84
C LEU C 9 26.99 -25.57 3.57
N LEU C 10 27.42 -24.31 3.60
CA LEU C 10 27.28 -23.41 2.47
C LEU C 10 28.65 -22.82 2.10
N LYS C 11 28.90 -22.67 0.81
CA LYS C 11 30.13 -22.09 0.32
C LYS C 11 29.85 -21.16 -0.85
N VAL C 12 29.96 -19.86 -0.65
CA VAL C 12 29.78 -18.89 -1.71
C VAL C 12 31.19 -18.54 -2.19
N GLU C 13 31.49 -18.82 -3.46
CA GLU C 13 32.80 -18.55 -4.04
C GLU C 13 32.71 -17.41 -5.08
N ASP C 14 33.52 -16.35 -4.87
CA ASP C 14 33.65 -15.14 -5.71
C ASP C 14 32.38 -14.79 -6.50
N LEU C 15 31.29 -14.51 -5.77
CA LEU C 15 29.98 -14.27 -6.35
C LEU C 15 29.72 -12.85 -6.85
N HIS C 16 29.30 -12.73 -8.12
CA HIS C 16 28.96 -11.44 -8.73
C HIS C 16 27.48 -11.43 -9.12
N VAL C 17 26.68 -10.57 -8.50
CA VAL C 17 25.25 -10.48 -8.80
C VAL C 17 24.91 -9.07 -9.28
N TYR C 18 24.27 -8.96 -10.45
CA TYR C 18 23.93 -7.67 -11.02
C TYR C 18 22.44 -7.40 -10.90
N ARG C 19 22.08 -6.18 -10.52
CA ARG C 19 20.67 -5.78 -10.47
C ARG C 19 20.50 -4.61 -11.42
N GLY C 20 20.20 -4.94 -12.65
CA GLY C 20 20.08 -3.96 -13.73
C GLY C 20 21.46 -3.70 -14.30
N ASN C 21 21.84 -2.42 -14.35
CA ASN C 21 23.16 -2.02 -14.86
C ASN C 21 24.24 -2.09 -13.75
N ARG C 22 23.81 -1.98 -12.46
CA ARG C 22 24.69 -2.01 -11.29
C ARG C 22 25.10 -3.40 -10.85
N GLU C 23 26.36 -3.55 -10.45
CA GLU C 23 26.86 -4.80 -9.91
C GLU C 23 26.71 -4.64 -8.39
N ILE C 24 25.84 -5.41 -7.74
CA ILE C 24 25.62 -5.27 -6.30
C ILE C 24 26.66 -6.07 -5.54
N LEU C 25 26.80 -7.36 -5.86
CA LEU C 25 27.81 -8.18 -5.21
C LEU C 25 29.02 -8.25 -6.14
N LYS C 26 30.18 -7.81 -5.67
CA LYS C 26 31.38 -7.76 -6.50
C LYS C 26 32.45 -8.75 -6.00
N GLY C 27 32.10 -10.04 -5.98
CA GLY C 27 33.01 -11.08 -5.55
C GLY C 27 32.83 -11.40 -4.08
N VAL C 28 31.75 -12.14 -3.75
CA VAL C 28 31.48 -12.50 -2.37
C VAL C 28 32.07 -13.85 -2.03
N ASN C 29 32.94 -13.88 -1.02
CA ASN C 29 33.51 -15.13 -0.54
C ASN C 29 33.04 -15.27 0.88
N LEU C 30 32.13 -16.20 1.10
CA LEU C 30 31.50 -16.41 2.39
C LEU C 30 31.29 -17.93 2.58
N THR C 31 31.39 -18.42 3.82
CA THR C 31 31.14 -19.83 4.11
C THR C 31 30.27 -19.94 5.34
N VAL C 32 29.42 -20.97 5.40
CA VAL C 32 28.62 -21.23 6.58
C VAL C 32 28.92 -22.66 6.97
N GLU C 33 29.36 -22.84 8.22
CA GLU C 33 29.72 -24.15 8.71
C GLU C 33 28.59 -24.80 9.49
N GLU C 34 28.71 -26.10 9.75
CA GLU C 34 27.71 -26.84 10.50
C GLU C 34 27.62 -26.28 11.94
N ASN C 35 26.41 -26.20 12.49
CA ASN C 35 26.12 -25.72 13.85
C ASN C 35 26.59 -24.29 14.16
N GLU C 36 26.60 -23.41 13.15
CA GLU C 36 27.12 -22.06 13.32
C GLU C 36 26.08 -20.94 13.14
N ILE C 37 26.12 -19.93 14.02
CA ILE C 37 25.30 -18.75 13.86
C ILE C 37 26.28 -17.75 13.25
N HIS C 38 26.26 -17.62 11.91
CA HIS C 38 27.16 -16.74 11.20
C HIS C 38 26.40 -15.49 10.76
N ALA C 39 26.73 -14.33 11.37
CA ALA C 39 26.06 -13.08 11.10
C ALA C 39 26.74 -12.26 10.02
N ILE C 40 25.95 -11.54 9.22
CA ILE C 40 26.45 -10.69 8.17
C ILE C 40 26.05 -9.24 8.44
N ILE C 41 27.05 -8.37 8.65
CA ILE C 41 26.79 -6.96 8.90
C ILE C 41 27.22 -6.11 7.73
N GLY C 42 26.60 -4.95 7.61
CA GLY C 42 26.93 -4.03 6.55
C GLY C 42 25.97 -2.87 6.48
N PRO C 43 26.42 -1.78 5.87
CA PRO C 43 25.54 -0.61 5.75
C PRO C 43 24.41 -0.81 4.73
N ASN C 44 23.60 0.22 4.52
CA ASN C 44 22.54 0.19 3.53
C ASN C 44 23.22 0.19 2.14
N GLY C 45 22.71 -0.63 1.24
CA GLY C 45 23.25 -0.70 -0.11
C GLY C 45 24.47 -1.58 -0.28
N ALA C 46 24.87 -2.30 0.79
CA ALA C 46 26.03 -3.18 0.75
C ALA C 46 25.79 -4.51 0.01
N GLY C 47 24.53 -4.93 -0.08
CA GLY C 47 24.19 -6.18 -0.77
C GLY C 47 23.72 -7.32 0.11
N LYS C 48 23.39 -7.01 1.38
CA LYS C 48 22.91 -7.98 2.37
C LYS C 48 21.68 -8.76 1.89
N SER C 49 20.62 -8.05 1.49
CA SER C 49 19.40 -8.67 0.99
C SER C 49 19.66 -9.42 -0.31
N THR C 50 20.36 -8.79 -1.27
CA THR C 50 20.72 -9.43 -2.54
C THR C 50 21.41 -10.78 -2.33
N LEU C 51 22.37 -10.84 -1.40
CA LEU C 51 23.09 -12.06 -1.07
C LEU C 51 22.14 -13.11 -0.52
N ALA C 52 21.26 -12.74 0.41
CA ALA C 52 20.29 -13.68 0.98
C ALA C 52 19.33 -14.25 -0.09
N TYR C 53 18.91 -13.42 -1.04
CA TYR C 53 18.01 -13.84 -2.11
C TYR C 53 18.70 -14.69 -3.16
N THR C 54 20.00 -14.45 -3.39
CA THR C 54 20.76 -15.20 -4.39
C THR C 54 21.04 -16.62 -3.90
N ILE C 55 21.29 -16.79 -2.59
CA ILE C 55 21.50 -18.10 -2.02
C ILE C 55 20.21 -18.90 -2.11
N MET C 56 19.07 -18.28 -1.76
CA MET C 56 17.77 -18.96 -1.81
C MET C 56 17.24 -19.22 -3.24
N GLY C 57 17.78 -18.52 -4.23
CA GLY C 57 17.40 -18.72 -5.61
C GLY C 57 16.20 -17.92 -6.06
N ILE C 58 15.95 -16.80 -5.39
CA ILE C 58 14.84 -15.90 -5.70
C ILE C 58 15.00 -15.36 -7.12
N SER C 59 13.91 -15.29 -7.87
CA SER C 59 13.93 -14.83 -9.26
C SER C 59 14.38 -13.38 -9.34
N GLY C 60 15.34 -13.13 -10.23
CA GLY C 60 15.91 -11.80 -10.43
C GLY C 60 17.23 -11.60 -9.70
N TYR C 61 17.72 -12.65 -9.04
CA TYR C 61 18.96 -12.64 -8.27
C TYR C 61 19.82 -13.78 -8.80
N LYS C 62 20.25 -13.66 -10.05
CA LYS C 62 21.06 -14.65 -10.75
C LYS C 62 22.51 -14.22 -10.79
N PRO C 63 23.43 -15.09 -10.36
CA PRO C 63 24.85 -14.72 -10.45
C PRO C 63 25.37 -14.71 -11.89
N THR C 64 26.25 -13.74 -12.19
CA THR C 64 26.93 -13.58 -13.48
C THR C 64 28.29 -14.30 -13.43
N LYS C 65 28.97 -14.24 -12.28
CA LYS C 65 30.24 -14.91 -12.03
C LYS C 65 30.16 -15.55 -10.63
N GLY C 66 30.88 -16.65 -10.43
CA GLY C 66 30.91 -17.32 -9.15
C GLY C 66 29.99 -18.52 -9.03
N ARG C 67 30.04 -19.18 -7.86
CA ARG C 67 29.23 -20.36 -7.59
C ARG C 67 28.81 -20.47 -6.10
N ILE C 68 27.62 -21.05 -5.88
CA ILE C 68 27.06 -21.28 -4.56
C ILE C 68 26.95 -22.77 -4.39
N ILE C 69 27.72 -23.32 -3.45
CA ILE C 69 27.71 -24.75 -3.19
C ILE C 69 27.01 -24.97 -1.87
N PHE C 70 26.00 -25.82 -1.84
CA PHE C 70 25.28 -26.13 -0.62
C PHE C 70 25.29 -27.63 -0.47
N LYS C 71 25.77 -28.12 0.67
CA LYS C 71 25.87 -29.55 0.94
C LYS C 71 26.69 -30.31 -0.12
N GLY C 72 27.77 -29.69 -0.61
CA GLY C 72 28.63 -30.27 -1.64
C GLY C 72 28.09 -30.16 -3.06
N VAL C 73 26.83 -29.74 -3.23
CA VAL C 73 26.21 -29.63 -4.55
C VAL C 73 26.20 -28.19 -5.03
N ASP C 74 26.57 -27.95 -6.31
CA ASP C 74 26.52 -26.59 -6.88
C ASP C 74 25.07 -26.41 -7.28
N ILE C 75 24.37 -25.51 -6.60
CA ILE C 75 22.93 -25.30 -6.81
C ILE C 75 22.60 -24.31 -7.93
N ILE C 76 23.50 -24.15 -8.91
CA ILE C 76 23.31 -23.22 -10.04
C ILE C 76 22.02 -23.47 -10.84
N ASP C 77 21.62 -24.73 -11.02
CA ASP C 77 20.41 -25.04 -11.79
C ASP C 77 19.19 -25.43 -10.93
N LYS C 78 19.28 -25.24 -9.59
CA LYS C 78 18.21 -25.58 -8.68
C LYS C 78 17.30 -24.39 -8.41
N ASN C 79 15.98 -24.61 -8.40
CA ASN C 79 15.01 -23.55 -8.12
C ASN C 79 14.76 -23.41 -6.61
N ILE C 80 13.98 -22.39 -6.16
CA ILE C 80 13.68 -22.17 -4.75
C ILE C 80 13.20 -23.44 -4.04
N THR C 81 12.24 -24.15 -4.65
CA THR C 81 11.68 -25.41 -4.13
C THR C 81 12.78 -26.45 -3.93
N GLU C 82 13.64 -26.65 -4.94
CA GLU C 82 14.73 -27.63 -4.90
C GLU C 82 15.78 -27.29 -3.86
N ARG C 83 16.09 -25.99 -3.68
CA ARG C 83 17.02 -25.58 -2.64
C ARG C 83 16.39 -25.74 -1.25
N ALA C 84 15.10 -25.50 -1.12
CA ALA C 84 14.40 -25.68 0.15
C ALA C 84 14.31 -27.15 0.53
N ARG C 85 14.18 -28.04 -0.47
CA ARG C 85 14.13 -29.48 -0.21
C ARG C 85 15.49 -30.07 0.21
N MET C 86 16.58 -29.30 0.06
CA MET C 86 17.91 -29.67 0.52
C MET C 86 18.17 -29.18 1.98
N GLY C 87 17.24 -28.44 2.60
CA GLY C 87 17.41 -27.96 3.97
C GLY C 87 17.71 -26.48 4.13
N MET C 88 17.59 -25.70 3.05
CA MET C 88 17.87 -24.27 3.11
C MET C 88 16.58 -23.50 3.09
N THR C 89 16.41 -22.51 3.99
CA THR C 89 15.21 -21.66 3.94
C THR C 89 15.57 -20.19 4.20
N LEU C 90 14.66 -19.28 3.86
CA LEU C 90 14.82 -17.83 3.99
C LEU C 90 13.62 -17.28 4.72
N ALA C 91 13.87 -16.41 5.71
CA ALA C 91 12.84 -15.66 6.41
C ALA C 91 13.07 -14.25 5.94
N TRP C 92 12.12 -13.71 5.17
CA TRP C 92 12.17 -12.36 4.63
C TRP C 92 12.10 -11.34 5.77
N GLN C 93 12.55 -10.10 5.52
CA GLN C 93 12.45 -9.06 6.54
C GLN C 93 10.99 -8.68 6.77
N GLU C 94 10.21 -8.53 5.70
CA GLU C 94 8.78 -8.23 5.83
C GLU C 94 8.04 -9.49 5.35
N PRO C 95 7.75 -10.47 6.22
CA PRO C 95 7.09 -11.70 5.74
C PRO C 95 5.76 -11.43 5.03
N ALA C 96 5.60 -12.05 3.85
CA ALA C 96 4.43 -11.87 2.98
C ALA C 96 3.12 -12.16 3.71
N ARG C 97 2.10 -11.34 3.45
CA ARG C 97 0.77 -11.61 3.99
C ARG C 97 0.06 -12.50 2.97
N PHE C 98 -0.81 -13.39 3.47
CA PHE C 98 -1.54 -14.35 2.64
C PHE C 98 -3.01 -14.29 2.96
N GLU C 99 -3.83 -14.21 1.91
CA GLU C 99 -5.27 -14.22 2.10
C GLU C 99 -5.71 -15.64 2.46
N GLY C 100 -6.48 -15.76 3.54
CA GLY C 100 -7.11 -17.00 3.97
C GLY C 100 -6.30 -18.20 4.40
N ILE C 101 -5.04 -18.01 4.81
CA ILE C 101 -4.23 -19.13 5.30
C ILE C 101 -4.13 -18.99 6.82
N LYS C 102 -4.68 -19.95 7.59
CA LYS C 102 -4.61 -19.88 9.05
C LYS C 102 -3.19 -20.15 9.56
N VAL C 103 -2.87 -19.64 10.75
CA VAL C 103 -1.56 -19.82 11.39
C VAL C 103 -1.25 -21.31 11.59
N LYS C 104 -2.23 -22.09 12.07
CA LYS C 104 -2.06 -23.53 12.30
C LYS C 104 -1.71 -24.29 11.01
N ASN C 105 -2.23 -23.85 9.85
CA ASN C 105 -1.92 -24.50 8.57
C ASN C 105 -0.65 -23.96 7.96
N TYR C 106 -0.34 -22.67 8.18
CA TYR C 106 0.86 -22.02 7.68
C TYR C 106 2.09 -22.64 8.33
N LEU C 107 2.03 -22.92 9.66
CA LEU C 107 3.17 -23.49 10.41
C LEU C 107 3.46 -24.97 10.07
N MET C 108 2.54 -25.63 9.38
CA MET C 108 2.74 -26.99 8.92
C MET C 108 3.51 -27.01 7.57
N LEU C 109 3.52 -25.89 6.82
CA LEU C 109 4.21 -25.82 5.54
C LEU C 109 5.72 -25.86 5.71
N GLY C 110 6.34 -26.87 5.15
CA GLY C 110 7.78 -27.03 5.23
C GLY C 110 8.30 -27.59 6.54
N MET C 111 7.39 -27.90 7.48
CA MET C 111 7.73 -28.44 8.79
C MET C 111 8.61 -29.70 8.66
N ASN C 112 9.62 -29.79 9.52
CA ASN C 112 10.58 -30.90 9.53
C ASN C 112 9.88 -32.27 9.54
N GLU C 113 10.46 -33.26 8.81
CA GLU C 113 9.85 -34.60 8.80
C GLU C 113 9.89 -35.29 10.13
N LYS C 114 10.75 -34.83 11.09
CA LYS C 114 10.78 -35.39 12.45
C LYS C 114 9.44 -35.11 13.18
N TYR C 115 8.77 -33.98 12.86
CA TYR C 115 7.53 -33.56 13.51
C TYR C 115 6.31 -33.76 12.65
N LYS C 116 6.42 -33.47 11.33
CA LYS C 116 5.33 -33.60 10.35
C LYS C 116 4.78 -35.05 10.30
N LYS C 117 5.70 -36.02 10.42
CA LYS C 117 5.57 -37.47 10.45
C LYS C 117 4.39 -38.02 11.31
N ASP C 118 4.03 -37.29 12.39
CA ASP C 118 3.01 -37.71 13.35
C ASP C 118 2.18 -36.49 13.75
N LYS C 119 0.84 -36.62 13.74
CA LYS C 119 -0.09 -35.53 14.06
C LYS C 119 0.09 -34.96 15.46
N GLU C 120 0.22 -35.82 16.47
CA GLU C 120 0.38 -35.33 17.85
C GLU C 120 1.67 -34.53 18.04
N ILE C 121 2.75 -34.92 17.34
CA ILE C 121 4.04 -34.23 17.45
C ILE C 121 4.00 -32.92 16.70
N ALA C 122 3.38 -32.91 15.51
CA ALA C 122 3.26 -31.69 14.71
C ALA C 122 2.43 -30.63 15.48
N GLU C 123 1.33 -31.06 16.11
CA GLU C 123 0.51 -30.13 16.88
C GLU C 123 1.25 -29.62 18.12
N GLU C 124 2.16 -30.42 18.69
CA GLU C 124 2.95 -30.00 19.84
C GLU C 124 4.03 -29.00 19.40
N LYS C 125 4.71 -29.25 18.28
CA LYS C 125 5.76 -28.37 17.77
C LYS C 125 5.19 -26.99 17.45
N ILE C 126 3.95 -26.92 16.94
CA ILE C 126 3.30 -25.63 16.60
C ILE C 126 3.03 -24.81 17.86
N ARG C 127 2.71 -25.47 18.98
CA ARG C 127 2.51 -24.80 20.26
C ARG C 127 3.82 -24.32 20.85
N GLU C 128 4.90 -25.14 20.83
CA GLU C 128 6.18 -24.68 21.39
C GLU C 128 6.82 -23.63 20.53
N ALA C 129 6.58 -23.62 19.20
CA ALA C 129 7.13 -22.59 18.33
C ALA C 129 6.45 -21.26 18.61
N LEU C 130 5.10 -21.25 18.77
CA LEU C 130 4.38 -20.02 19.08
C LEU C 130 4.68 -19.56 20.51
N LYS C 131 4.87 -20.48 21.46
CA LYS C 131 5.19 -20.12 22.83
C LYS C 131 6.61 -19.53 22.91
N LEU C 132 7.55 -20.04 22.06
CA LEU C 132 8.94 -19.56 21.98
C LEU C 132 9.02 -18.13 21.48
N VAL C 133 8.12 -17.74 20.58
CA VAL C 133 8.10 -16.38 20.05
C VAL C 133 7.12 -15.45 20.83
N ASN C 134 6.73 -15.85 22.04
CA ASN C 134 5.86 -15.15 22.98
C ASN C 134 4.46 -14.84 22.43
N LEU C 135 3.89 -15.78 21.69
CA LEU C 135 2.53 -15.63 21.18
C LEU C 135 1.66 -16.69 21.86
N ASP C 136 0.42 -16.34 22.27
CA ASP C 136 -0.48 -17.31 22.91
C ASP C 136 -1.01 -18.23 21.83
N PRO C 137 -0.66 -19.53 21.84
CA PRO C 137 -1.11 -20.42 20.75
C PRO C 137 -2.62 -20.42 20.49
N ASP C 138 -3.43 -20.44 21.54
CA ASP C 138 -4.87 -20.46 21.39
C ASP C 138 -5.47 -19.15 20.85
N LYS C 139 -4.76 -18.04 21.04
CA LYS C 139 -5.19 -16.74 20.54
C LYS C 139 -4.81 -16.53 19.05
N TYR C 140 -3.86 -17.34 18.52
CA TYR C 140 -3.41 -17.16 17.14
C TYR C 140 -3.65 -18.34 16.17
N LEU C 141 -3.77 -19.59 16.65
CA LEU C 141 -3.93 -20.77 15.79
C LEU C 141 -4.99 -20.66 14.69
N ASP C 142 -6.13 -19.98 14.96
CA ASP C 142 -7.18 -19.85 13.95
C ASP C 142 -7.24 -18.46 13.29
N ARG C 143 -6.20 -17.64 13.47
CA ARG C 143 -6.07 -16.33 12.84
C ARG C 143 -5.44 -16.51 11.46
N TYR C 144 -5.77 -15.62 10.52
CA TYR C 144 -5.19 -15.67 9.18
C TYR C 144 -3.85 -14.94 9.16
N VAL C 145 -2.90 -15.40 8.34
CA VAL C 145 -1.61 -14.73 8.22
C VAL C 145 -1.72 -13.63 7.17
N ASP C 146 -2.78 -12.81 7.29
CA ASP C 146 -3.14 -11.75 6.35
C ASP C 146 -2.80 -10.34 6.89
N GLU C 147 -3.24 -9.28 6.18
CA GLU C 147 -3.01 -7.88 6.54
C GLU C 147 -3.51 -7.50 7.93
N THR C 148 -4.49 -8.26 8.45
CA THR C 148 -5.16 -8.11 9.74
C THR C 148 -4.17 -8.17 10.93
N LEU C 149 -3.12 -8.98 10.80
CA LEU C 149 -2.11 -9.10 11.84
C LEU C 149 -1.25 -7.84 11.88
N SER C 150 -0.61 -7.59 13.03
CA SER C 150 0.35 -6.51 13.12
C SER C 150 1.66 -7.04 12.48
N GLY C 151 2.56 -6.14 12.13
CA GLY C 151 3.86 -6.54 11.60
C GLY C 151 4.64 -7.42 12.57
N GLY C 152 4.47 -7.17 13.86
CA GLY C 152 5.12 -7.92 14.93
C GLY C 152 4.55 -9.31 15.10
N GLU C 153 3.23 -9.44 14.97
CA GLU C 153 2.58 -10.74 15.05
C GLU C 153 2.99 -11.60 13.85
N ARG C 154 2.93 -11.05 12.63
CA ARG C 154 3.29 -11.76 11.40
C ARG C 154 4.76 -12.18 11.37
N LYS C 155 5.66 -11.33 11.87
CA LYS C 155 7.09 -11.70 11.90
C LYS C 155 7.40 -12.70 13.02
N ARG C 156 6.64 -12.67 14.12
CA ARG C 156 6.81 -13.68 15.17
C ARG C 156 6.33 -15.04 14.65
N ILE C 157 5.20 -15.07 13.88
CA ILE C 157 4.70 -16.29 13.24
C ILE C 157 5.75 -16.82 12.22
N GLU C 158 6.49 -15.93 11.55
CA GLU C 158 7.53 -16.34 10.61
C GLU C 158 8.71 -16.98 11.33
N LEU C 159 9.07 -16.47 12.52
CA LEU C 159 10.14 -17.09 13.31
C LEU C 159 9.67 -18.46 13.81
N ALA C 160 8.39 -18.58 14.20
CA ALA C 160 7.78 -19.85 14.60
C ALA C 160 7.82 -20.84 13.42
N SER C 161 7.65 -20.36 12.17
CA SER C 161 7.72 -21.20 10.98
C SER C 161 9.13 -21.78 10.83
N ILE C 162 10.17 -20.95 10.98
CA ILE C 162 11.59 -21.38 10.95
C ILE C 162 11.83 -22.48 12.01
N ILE C 163 11.21 -22.33 13.19
CA ILE C 163 11.35 -23.32 14.25
C ILE C 163 10.76 -24.68 13.82
N CYS C 164 9.50 -24.66 13.35
CA CYS C 164 8.81 -25.86 12.87
C CYS C 164 9.57 -26.51 11.73
N MET C 165 10.16 -25.70 10.85
CA MET C 165 10.89 -26.22 9.71
C MET C 165 12.17 -26.88 10.11
N GLU C 166 12.88 -26.28 11.11
CA GLU C 166 14.16 -26.72 11.65
C GLU C 166 15.15 -27.03 10.51
N PRO C 167 15.46 -26.03 9.67
CA PRO C 167 16.31 -26.31 8.51
C PRO C 167 17.77 -26.56 8.85
N ASP C 168 18.50 -27.13 7.88
CA ASP C 168 19.93 -27.29 8.03
C ASP C 168 20.55 -25.88 7.99
N LEU C 169 20.07 -25.00 7.06
CA LEU C 169 20.45 -23.59 6.96
C LEU C 169 19.22 -22.69 6.99
N ALA C 170 19.18 -21.74 7.92
CA ALA C 170 18.09 -20.78 8.01
C ALA C 170 18.67 -19.42 7.73
N ILE C 171 18.33 -18.79 6.59
CA ILE C 171 18.82 -17.45 6.28
C ILE C 171 17.80 -16.49 6.90
N LEU C 172 18.22 -15.62 7.83
CA LEU C 172 17.29 -14.73 8.51
C LEU C 172 17.56 -13.28 8.18
N ASP C 173 16.74 -12.67 7.32
CA ASP C 173 16.94 -11.28 6.94
C ASP C 173 16.33 -10.37 7.97
N GLU C 174 17.21 -9.69 8.77
CA GLU C 174 16.84 -8.76 9.85
C GLU C 174 15.84 -9.37 10.84
N PRO C 175 16.20 -10.46 11.53
CA PRO C 175 15.23 -11.12 12.41
C PRO C 175 14.70 -10.30 13.60
N ASP C 176 15.43 -9.28 14.07
CA ASP C 176 14.98 -8.47 15.22
C ASP C 176 14.19 -7.20 14.84
N SER C 177 14.02 -6.94 13.54
CA SER C 177 13.28 -5.77 13.08
C SER C 177 11.80 -6.13 12.93
N GLY C 178 10.94 -5.16 13.21
CA GLY C 178 9.50 -5.31 13.10
C GLY C 178 8.81 -6.29 14.02
N ILE C 179 9.51 -6.83 15.05
CA ILE C 179 8.89 -7.79 15.97
C ILE C 179 8.49 -7.17 17.31
N ASP C 180 8.78 -5.87 17.54
CA ASP C 180 8.50 -5.18 18.82
C ASP C 180 9.32 -5.80 19.96
N ILE C 181 10.57 -6.15 19.64
CA ILE C 181 11.53 -6.84 20.53
C ILE C 181 11.70 -6.12 21.86
N VAL C 182 11.50 -6.86 22.95
CA VAL C 182 11.65 -6.37 24.31
C VAL C 182 13.14 -6.18 24.62
N SER C 183 13.95 -7.19 24.28
CA SER C 183 15.40 -7.20 24.48
C SER C 183 16.05 -8.29 23.62
N PHE C 184 17.40 -8.29 23.49
CA PHE C 184 18.08 -9.35 22.72
C PHE C 184 17.97 -10.73 23.33
N ASP C 185 17.53 -10.82 24.60
CA ASP C 185 17.29 -12.10 25.26
C ASP C 185 16.10 -12.84 24.63
N GLU C 186 15.16 -12.10 24.02
CA GLU C 186 14.00 -12.67 23.34
C GLU C 186 14.45 -13.40 22.06
N ILE C 187 15.30 -12.74 21.25
CA ILE C 187 15.78 -13.31 20.00
C ILE C 187 16.84 -14.39 20.25
N LYS C 188 17.68 -14.22 21.30
CA LYS C 188 18.72 -15.18 21.68
C LYS C 188 18.11 -16.50 22.15
N ARG C 189 16.95 -16.44 22.82
CA ARG C 189 16.22 -17.62 23.27
C ARG C 189 15.82 -18.51 22.09
N VAL C 190 15.44 -17.88 20.96
CA VAL C 190 15.08 -18.55 19.72
C VAL C 190 16.33 -19.04 19.00
N PHE C 191 17.35 -18.18 18.87
CA PHE C 191 18.61 -18.52 18.22
C PHE C 191 19.31 -19.73 18.87
N ASP C 192 19.32 -19.80 20.21
CA ASP C 192 19.94 -20.91 20.95
C ASP C 192 19.16 -22.19 20.77
N TYR C 193 17.84 -22.09 20.74
CA TYR C 193 16.98 -23.24 20.55
C TYR C 193 17.25 -23.89 19.19
N LEU C 194 17.37 -23.08 18.13
CA LEU C 194 17.64 -23.60 16.80
C LEU C 194 19.05 -24.19 16.76
N LYS C 195 20.02 -23.49 17.35
CA LYS C 195 21.42 -23.92 17.42
C LYS C 195 21.55 -25.29 18.13
N ASP C 196 20.83 -25.48 19.24
CA ASP C 196 20.87 -26.74 19.98
C ASP C 196 20.31 -27.90 19.17
N LYS C 197 19.36 -27.63 18.26
CA LYS C 197 18.76 -28.63 17.37
C LYS C 197 19.66 -29.04 16.20
N GLY C 198 20.73 -28.28 15.95
CA GLY C 198 21.66 -28.57 14.87
C GLY C 198 21.61 -27.66 13.68
N CYS C 199 20.80 -26.58 13.75
CA CYS C 199 20.63 -25.62 12.65
C CYS C 199 21.81 -24.69 12.56
N SER C 200 22.05 -24.20 11.34
CA SER C 200 23.01 -23.12 11.11
C SER C 200 22.17 -21.91 10.71
N LEU C 201 22.50 -20.73 11.26
CA LEU C 201 21.75 -19.53 10.95
C LEU C 201 22.63 -18.56 10.22
N LEU C 202 22.15 -18.02 9.10
CA LEU C 202 22.88 -17.00 8.37
C LEU C 202 22.09 -15.72 8.63
N VAL C 203 22.38 -15.09 9.78
CA VAL C 203 21.70 -13.89 10.25
C VAL C 203 22.16 -12.65 9.51
N ILE C 204 21.30 -12.07 8.66
CA ILE C 204 21.65 -10.84 7.92
C ILE C 204 21.18 -9.66 8.75
N THR C 205 22.08 -8.71 9.07
CA THR C 205 21.70 -7.55 9.89
C THR C 205 22.55 -6.32 9.64
N HIS C 206 22.00 -5.13 9.95
CA HIS C 206 22.73 -3.86 9.92
C HIS C 206 23.08 -3.42 11.37
N ARG C 207 22.39 -3.98 12.40
CA ARG C 207 22.53 -3.67 13.81
C ARG C 207 23.65 -4.47 14.44
N GLU C 208 24.75 -3.79 14.78
CA GLU C 208 25.94 -4.38 15.38
C GLU C 208 25.66 -5.12 16.72
N GLU C 209 24.74 -4.56 17.53
CA GLU C 209 24.36 -5.15 18.81
C GLU C 209 23.80 -6.55 18.65
N LEU C 210 23.06 -6.78 17.55
CA LEU C 210 22.48 -8.09 17.24
C LEU C 210 23.56 -9.13 16.82
N ALA C 211 24.50 -8.71 15.97
CA ALA C 211 25.58 -9.56 15.48
C ALA C 211 26.56 -10.01 16.58
N GLU C 212 26.63 -9.28 17.70
CA GLU C 212 27.52 -9.61 18.82
C GLU C 212 27.15 -10.94 19.50
N HIS C 213 25.88 -11.36 19.39
CA HIS C 213 25.39 -12.62 19.96
C HIS C 213 25.67 -13.85 19.07
N ALA C 214 26.20 -13.64 17.84
CA ALA C 214 26.53 -14.70 16.89
C ALA C 214 27.94 -15.28 17.16
N ASP C 215 28.26 -16.46 16.60
CA ASP C 215 29.55 -17.08 16.78
C ASP C 215 30.63 -16.40 15.94
N ARG C 216 30.30 -16.05 14.71
CA ARG C 216 31.22 -15.41 13.77
C ARG C 216 30.48 -14.28 12.99
N VAL C 217 31.20 -13.21 12.62
CA VAL C 217 30.59 -12.08 11.92
C VAL C 217 31.39 -11.70 10.67
N SER C 218 30.72 -11.49 9.53
CA SER C 218 31.39 -11.08 8.30
C SER C 218 30.87 -9.73 7.88
N LEU C 219 31.78 -8.79 7.65
CA LEU C 219 31.41 -7.44 7.24
C LEU C 219 31.39 -7.32 5.73
N ILE C 220 30.22 -7.03 5.19
CA ILE C 220 30.06 -6.81 3.76
C ILE C 220 29.96 -5.33 3.53
N CYS C 221 30.88 -4.80 2.73
CA CYS C 221 30.89 -3.38 2.38
C CYS C 221 30.99 -3.34 0.85
N ALA C 222 30.02 -2.69 0.19
CA ALA C 222 29.96 -2.55 -1.28
C ALA C 222 30.15 -3.88 -2.04
N GLY C 223 29.38 -4.88 -1.64
CA GLY C 223 29.40 -6.20 -2.26
C GLY C 223 30.64 -7.04 -2.03
N GLU C 224 31.43 -6.75 -0.99
CA GLU C 224 32.64 -7.52 -0.70
C GLU C 224 32.81 -7.78 0.78
N VAL C 225 33.37 -8.95 1.14
CA VAL C 225 33.59 -9.26 2.55
C VAL C 225 34.94 -8.69 3.03
N ILE C 226 34.89 -7.50 3.66
CA ILE C 226 36.07 -6.77 4.17
C ILE C 226 36.76 -7.49 5.36
N LYS C 227 36.11 -7.62 6.53
CA LYS C 227 36.68 -8.31 7.69
C LYS C 227 35.76 -9.45 8.11
N SER C 228 36.31 -10.51 8.71
CA SER C 228 35.50 -11.63 9.17
C SER C 228 36.17 -12.31 10.36
N GLY C 229 35.39 -12.63 11.39
CA GLY C 229 35.92 -13.28 12.57
C GLY C 229 35.09 -13.09 13.83
N ASP C 230 35.74 -12.57 14.90
CA ASP C 230 35.12 -12.34 16.22
C ASP C 230 34.05 -11.24 16.20
N PRO C 231 32.90 -11.47 16.86
CA PRO C 231 31.79 -10.47 16.83
C PRO C 231 32.11 -9.06 17.34
N LYS C 232 32.75 -8.91 18.51
CA LYS C 232 33.10 -7.57 19.02
C LYS C 232 34.22 -6.97 18.17
N GLU C 233 35.15 -7.80 17.70
CA GLU C 233 36.29 -7.41 16.86
C GLU C 233 35.82 -6.77 15.55
N VAL C 234 35.17 -7.53 14.64
CA VAL C 234 34.69 -6.96 13.38
C VAL C 234 33.50 -5.98 13.59
N GLY C 235 32.74 -6.19 14.66
CA GLY C 235 31.62 -5.32 15.01
C GLY C 235 32.06 -3.89 15.32
N GLU C 236 33.11 -3.75 16.15
CA GLU C 236 33.68 -2.45 16.51
C GLU C 236 34.31 -1.78 15.29
N PHE C 237 34.95 -2.59 14.41
CA PHE C 237 35.56 -2.13 13.17
C PHE C 237 34.49 -1.49 12.27
N TYR C 238 33.31 -2.13 12.15
CA TYR C 238 32.17 -1.67 11.35
C TYR C 238 31.65 -0.30 11.80
N LYS C 239 31.58 -0.07 13.12
CA LYS C 239 31.11 1.20 13.65
C LYS C 239 32.11 2.31 13.34
N LYS C 240 33.42 2.01 13.47
CA LYS C 240 34.49 2.97 13.22
C LYS C 240 34.72 3.26 11.72
N GLU C 241 34.86 2.21 10.89
CA GLU C 241 35.13 2.33 9.46
C GLU C 241 33.87 2.19 8.61
N CYS C 242 33.11 3.29 8.47
CA CYS C 242 31.88 3.28 7.67
C CYS C 242 31.68 4.64 6.99
N LYS D 33 -39.14 -24.25 14.02
CA LYS D 33 -37.75 -24.49 14.44
C LYS D 33 -36.79 -23.40 13.92
N GLY D 34 -37.29 -22.19 13.73
CA GLY D 34 -36.49 -21.06 13.23
C GLY D 34 -37.18 -20.29 12.12
N PRO D 35 -37.10 -18.95 12.14
CA PRO D 35 -37.75 -18.17 11.07
C PRO D 35 -37.05 -18.39 9.74
N ARG D 36 -37.60 -19.24 8.89
CA ARG D 36 -36.97 -19.59 7.63
C ARG D 36 -37.96 -19.55 6.46
N ILE D 37 -37.44 -19.38 5.23
CA ILE D 37 -38.26 -19.37 4.01
C ILE D 37 -37.70 -20.43 3.07
N ILE D 38 -38.37 -21.59 2.96
CA ILE D 38 -37.90 -22.67 2.11
C ILE D 38 -38.55 -22.65 0.73
N VAL D 39 -37.75 -22.72 -0.33
CA VAL D 39 -38.24 -22.73 -1.72
C VAL D 39 -37.59 -23.88 -2.48
N LYS D 40 -38.34 -24.97 -2.70
CA LYS D 40 -37.85 -26.09 -3.48
C LYS D 40 -38.50 -25.97 -4.86
N GLU D 41 -37.69 -25.93 -5.93
CA GLU D 41 -38.15 -25.72 -7.31
C GLU D 41 -38.67 -24.25 -7.40
N SER D 42 -39.83 -23.99 -8.03
CA SER D 42 -40.39 -22.65 -8.09
C SER D 42 -41.58 -22.48 -7.11
N ARG D 43 -41.66 -23.33 -6.07
CA ARG D 43 -42.77 -23.29 -5.11
C ARG D 43 -42.29 -23.02 -3.70
N ILE D 44 -43.11 -22.33 -2.90
CA ILE D 44 -42.78 -22.08 -1.51
C ILE D 44 -43.14 -23.34 -0.74
N ILE D 45 -42.19 -23.88 0.01
CA ILE D 45 -42.43 -25.07 0.80
C ILE D 45 -42.87 -24.65 2.22
N ASP D 46 -42.19 -23.65 2.81
CA ASP D 46 -42.53 -23.17 4.14
C ASP D 46 -42.35 -21.65 4.31
N VAL D 47 -43.21 -21.05 5.14
CA VAL D 47 -43.17 -19.62 5.44
C VAL D 47 -43.49 -19.41 6.94
N GLN D 48 -42.44 -19.42 7.80
CA GLN D 48 -42.64 -19.26 9.23
C GLN D 48 -41.85 -18.08 9.79
N GLY D 49 -42.52 -17.19 10.50
CA GLY D 49 -41.89 -16.03 11.12
C GLY D 49 -42.23 -15.93 12.60
N ASP D 50 -41.23 -15.62 13.43
CA ASP D 50 -41.39 -15.53 14.89
C ASP D 50 -41.95 -14.15 15.38
N GLU D 51 -41.97 -13.91 16.71
CA GLU D 51 -42.44 -12.66 17.32
C GLU D 51 -41.42 -11.56 17.04
N GLY D 52 -41.89 -10.44 16.50
CA GLY D 52 -41.01 -9.32 16.15
C GLY D 52 -40.33 -9.44 14.79
N ILE D 53 -40.67 -10.49 14.03
CA ILE D 53 -40.13 -10.76 12.70
C ILE D 53 -41.24 -11.33 11.79
N ILE D 54 -41.99 -10.43 11.11
CA ILE D 54 -43.10 -10.82 10.25
C ILE D 54 -42.63 -11.38 8.91
N LEU D 55 -42.90 -12.65 8.63
CA LEU D 55 -42.50 -13.25 7.35
C LEU D 55 -43.72 -13.61 6.52
N GLU D 56 -43.99 -12.83 5.47
CA GLU D 56 -45.12 -13.07 4.56
C GLU D 56 -44.61 -13.68 3.25
N GLY D 57 -45.45 -14.46 2.59
CA GLY D 57 -45.07 -15.11 1.35
C GLY D 57 -46.25 -15.63 0.55
N LYS D 58 -46.20 -15.43 -0.77
CA LYS D 58 -47.25 -15.88 -1.69
C LYS D 58 -46.69 -16.14 -3.11
N GLU D 59 -47.45 -16.80 -3.99
CA GLU D 59 -47.01 -17.05 -5.35
C GLU D 59 -47.94 -16.32 -6.31
N GLU D 60 -47.39 -15.42 -7.12
CA GLU D 60 -48.16 -14.62 -8.07
C GLU D 60 -47.37 -14.47 -9.36
N ASP D 61 -48.03 -14.69 -10.50
CA ASP D 61 -47.47 -14.51 -11.85
C ASP D 61 -46.14 -15.25 -12.11
N GLY D 62 -45.98 -16.43 -11.50
CA GLY D 62 -44.75 -17.20 -11.66
C GLY D 62 -43.60 -16.78 -10.74
N LYS D 63 -43.82 -15.73 -9.93
CA LYS D 63 -42.82 -15.22 -8.99
C LYS D 63 -43.28 -15.43 -7.54
N ILE D 64 -42.33 -15.44 -6.62
CA ILE D 64 -42.63 -15.56 -5.20
C ILE D 64 -42.54 -14.16 -4.59
N LYS D 65 -43.57 -13.74 -3.85
CA LYS D 65 -43.58 -12.41 -3.25
C LYS D 65 -43.41 -12.51 -1.74
N ALA D 66 -42.18 -12.30 -1.26
CA ALA D 66 -41.92 -12.36 0.17
C ALA D 66 -41.80 -10.97 0.78
N LYS D 67 -42.06 -10.85 2.09
CA LYS D 67 -41.96 -9.58 2.80
C LYS D 67 -41.53 -9.87 4.22
N ILE D 68 -40.35 -9.42 4.61
CA ILE D 68 -39.81 -9.62 5.95
C ILE D 68 -39.84 -8.29 6.68
N ILE D 69 -40.45 -8.25 7.88
CA ILE D 69 -40.54 -7.00 8.65
C ILE D 69 -39.96 -7.19 10.05
N VAL D 70 -38.85 -6.52 10.35
CA VAL D 70 -38.24 -6.60 11.66
C VAL D 70 -38.78 -5.43 12.47
N LYS D 71 -39.51 -5.72 13.56
CA LYS D 71 -40.16 -4.73 14.42
C LYS D 71 -39.18 -3.89 15.27
N LYS D 72 -39.56 -2.62 15.49
CA LYS D 72 -38.80 -1.60 16.21
C LYS D 72 -38.30 -2.05 17.57
N GLY D 73 -36.99 -2.19 17.70
CA GLY D 73 -36.35 -2.61 18.94
C GLY D 73 -35.90 -4.05 18.96
N TYR D 74 -36.44 -4.89 18.06
CA TYR D 74 -36.08 -6.31 18.03
C TYR D 74 -34.68 -6.59 17.43
N LYS D 75 -33.72 -7.01 18.28
CA LYS D 75 -32.35 -7.34 17.87
C LYS D 75 -32.11 -8.85 17.96
N PHE D 76 -32.40 -9.60 16.88
CA PHE D 76 -32.25 -11.05 16.87
C PHE D 76 -30.81 -11.55 16.75
N LYS D 77 -30.35 -12.36 17.72
CA LYS D 77 -28.98 -12.89 17.65
C LYS D 77 -28.87 -14.15 16.77
N TYR D 78 -29.97 -14.88 16.56
CA TYR D 78 -29.96 -16.07 15.74
C TYR D 78 -30.32 -15.76 14.28
N PRO D 79 -29.54 -16.30 13.34
CA PRO D 79 -29.77 -15.99 11.93
C PRO D 79 -30.99 -16.64 11.30
N ILE D 80 -31.70 -15.83 10.50
CA ILE D 80 -32.85 -16.23 9.72
C ILE D 80 -32.32 -17.04 8.52
N HIS D 81 -33.05 -18.09 8.08
CA HIS D 81 -32.60 -18.89 6.95
C HIS D 81 -33.47 -18.68 5.72
N MET D 82 -32.96 -19.07 4.55
CA MET D 82 -33.69 -18.92 3.30
C MET D 82 -33.10 -19.93 2.35
N CYS D 83 -33.63 -21.16 2.36
CA CYS D 83 -33.08 -22.22 1.53
C CYS D 83 -33.74 -22.31 0.15
N PHE D 84 -32.91 -22.50 -0.89
CA PHE D 84 -33.35 -22.60 -2.28
C PHE D 84 -32.77 -23.87 -2.88
N GLY D 85 -33.61 -24.86 -3.13
CA GLY D 85 -33.17 -26.10 -3.75
C GLY D 85 -33.73 -26.26 -5.14
N ILE D 86 -32.92 -26.70 -6.10
CA ILE D 86 -33.36 -26.92 -7.48
C ILE D 86 -32.76 -28.20 -8.03
N THR D 87 -33.60 -29.22 -8.26
CA THR D 87 -33.19 -30.52 -8.79
C THR D 87 -33.85 -30.84 -10.15
N GLU D 88 -34.91 -30.09 -10.54
CA GLU D 88 -35.62 -30.29 -11.80
C GLU D 88 -34.98 -29.49 -12.92
N GLU D 89 -35.15 -29.96 -14.16
CA GLU D 89 -34.61 -29.26 -15.32
C GLU D 89 -35.55 -28.12 -15.73
N ASN D 90 -34.95 -27.00 -16.18
CA ASN D 90 -35.64 -25.77 -16.60
C ASN D 90 -36.58 -25.19 -15.53
N ILE D 91 -36.00 -24.75 -14.40
CA ILE D 91 -36.72 -24.13 -13.29
C ILE D 91 -36.42 -22.64 -13.26
N SER D 92 -37.45 -21.79 -13.13
CA SER D 92 -37.24 -20.35 -13.04
C SER D 92 -37.72 -19.87 -11.66
N GLN D 93 -36.80 -19.95 -10.69
CA GLN D 93 -37.00 -19.57 -9.30
C GLN D 93 -36.88 -18.04 -9.13
N ILE D 94 -37.94 -17.30 -9.45
CA ILE D 94 -37.93 -15.85 -9.34
C ILE D 94 -38.54 -15.41 -8.02
N ILE D 95 -37.77 -14.71 -7.19
CA ILE D 95 -38.25 -14.26 -5.90
C ILE D 95 -38.10 -12.75 -5.71
N ASP D 96 -39.21 -12.06 -5.49
CA ASP D 96 -39.24 -10.64 -5.19
C ASP D 96 -39.45 -10.53 -3.69
N VAL D 97 -38.45 -10.04 -2.96
CA VAL D 97 -38.55 -9.93 -1.52
C VAL D 97 -38.35 -8.48 -1.06
N GLU D 98 -39.04 -8.07 0.00
CA GLU D 98 -38.88 -6.73 0.56
C GLU D 98 -38.51 -6.94 2.01
N ILE D 99 -37.36 -6.42 2.43
CA ILE D 99 -36.93 -6.56 3.82
C ILE D 99 -36.95 -5.18 4.47
N ILE D 100 -37.75 -5.02 5.51
CA ILE D 100 -37.88 -3.74 6.21
C ILE D 100 -37.43 -3.93 7.63
N LEU D 101 -36.49 -3.10 8.08
CA LEU D 101 -36.00 -3.16 9.45
C LEU D 101 -36.38 -1.83 10.10
N GLU D 102 -37.18 -1.88 11.16
CA GLU D 102 -37.60 -0.65 11.84
C GLU D 102 -36.51 -0.14 12.80
N GLU D 103 -36.61 1.13 13.24
CA GLU D 103 -35.65 1.78 14.14
C GLU D 103 -35.14 0.89 15.26
N ASP D 104 -33.81 0.81 15.42
CA ASP D 104 -33.10 0.04 16.44
C ASP D 104 -33.26 -1.49 16.35
N SER D 105 -33.68 -2.02 15.19
CA SER D 105 -33.81 -3.48 15.04
C SER D 105 -32.50 -4.13 14.51
N SER D 106 -32.40 -5.47 14.51
CA SER D 106 -31.19 -6.15 14.04
C SER D 106 -31.53 -7.55 13.55
N ILE D 107 -30.98 -7.96 12.41
CA ILE D 107 -31.24 -9.29 11.86
C ILE D 107 -30.11 -9.73 10.90
N SER D 108 -29.90 -11.04 10.81
CA SER D 108 -28.92 -11.63 9.91
C SER D 108 -29.65 -12.67 9.06
N LEU D 109 -29.54 -12.59 7.74
CA LEU D 109 -30.20 -13.51 6.83
C LEU D 109 -29.13 -14.39 6.17
N MET D 110 -29.28 -15.70 6.29
CA MET D 110 -28.37 -16.66 5.68
C MET D 110 -29.07 -17.43 4.56
N SER D 111 -28.86 -16.99 3.32
CA SER D 111 -29.42 -17.61 2.12
C SER D 111 -28.53 -18.78 1.70
N HIS D 112 -29.12 -19.96 1.44
CA HIS D 112 -28.36 -21.14 1.01
C HIS D 112 -28.94 -21.65 -0.29
N CYS D 113 -28.11 -21.80 -1.34
CA CYS D 113 -28.58 -22.29 -2.62
C CYS D 113 -27.93 -23.60 -2.96
N SER D 114 -28.74 -24.64 -3.22
CA SER D 114 -28.21 -25.94 -3.61
C SER D 114 -28.75 -26.30 -4.98
N PHE D 115 -27.91 -26.20 -6.01
CA PHE D 115 -28.30 -26.51 -7.38
C PHE D 115 -27.35 -27.58 -7.92
N PRO D 116 -27.53 -28.87 -7.54
CA PRO D 116 -26.58 -29.90 -7.99
C PRO D 116 -26.81 -30.44 -9.41
N LYS D 117 -28.06 -30.45 -9.89
CA LYS D 117 -28.35 -30.96 -11.23
C LYS D 117 -27.92 -29.97 -12.30
N GLY D 118 -28.28 -28.70 -12.08
CA GLY D 118 -27.93 -27.55 -12.91
C GLY D 118 -28.17 -27.57 -14.40
N LYS D 119 -29.33 -28.11 -14.87
CA LYS D 119 -29.59 -28.12 -16.30
C LYS D 119 -30.82 -27.31 -16.66
N GLY D 120 -30.61 -26.01 -16.91
CA GLY D 120 -31.68 -25.08 -17.24
C GLY D 120 -32.18 -24.25 -16.07
N ILE D 121 -31.47 -24.31 -14.94
CA ILE D 121 -31.81 -23.57 -13.72
C ILE D 121 -31.70 -22.05 -13.92
N LYS D 122 -32.52 -21.30 -13.18
CA LYS D 122 -32.51 -19.85 -13.18
C LYS D 122 -32.99 -19.37 -11.83
N HIS D 123 -32.07 -18.91 -10.98
CA HIS D 123 -32.43 -18.37 -9.67
C HIS D 123 -32.34 -16.85 -9.79
N ILE D 124 -33.48 -16.15 -9.72
CA ILE D 124 -33.47 -14.69 -9.82
C ILE D 124 -34.03 -14.10 -8.55
N MET D 125 -33.28 -13.22 -7.88
CA MET D 125 -33.79 -12.58 -6.68
C MET D 125 -33.79 -11.08 -6.89
N ASN D 126 -34.93 -10.42 -6.68
CA ASN D 126 -35.02 -8.98 -6.81
C ASN D 126 -35.42 -8.52 -5.42
N GLY D 127 -34.53 -7.83 -4.72
CA GLY D 127 -34.79 -7.40 -3.35
C GLY D 127 -34.77 -5.91 -3.10
N ILE D 128 -35.66 -5.44 -2.22
CA ILE D 128 -35.72 -4.04 -1.80
C ILE D 128 -35.50 -4.06 -0.30
N ILE D 129 -34.37 -3.56 0.16
CA ILE D 129 -34.03 -3.56 1.57
C ILE D 129 -34.07 -2.15 2.11
N LYS D 130 -34.80 -1.94 3.20
CA LYS D 130 -34.95 -0.64 3.83
C LYS D 130 -34.54 -0.78 5.29
N ILE D 131 -33.39 -0.22 5.64
CA ILE D 131 -32.80 -0.30 6.98
C ILE D 131 -33.08 1.01 7.70
N GLY D 132 -33.87 0.94 8.77
CA GLY D 132 -34.27 2.11 9.54
C GLY D 132 -33.18 2.74 10.39
N LYS D 133 -33.52 3.83 11.10
CA LYS D 133 -32.58 4.56 11.95
C LYS D 133 -31.97 3.65 13.02
N ASN D 134 -30.65 3.48 12.98
CA ASN D 134 -29.87 2.66 13.90
C ASN D 134 -30.24 1.16 13.84
N ALA D 135 -30.67 0.68 12.67
CA ALA D 135 -30.97 -0.73 12.46
C ALA D 135 -29.74 -1.42 11.82
N LYS D 136 -29.67 -2.75 11.89
CA LYS D 136 -28.53 -3.49 11.36
C LYS D 136 -28.95 -4.73 10.58
N PHE D 137 -28.63 -4.79 9.30
CA PHE D 137 -28.94 -5.95 8.47
C PHE D 137 -27.67 -6.59 7.95
N SER D 138 -27.59 -7.92 7.99
CA SER D 138 -26.46 -8.70 7.50
C SER D 138 -27.00 -9.79 6.59
N TYR D 139 -26.44 -9.94 5.41
CA TYR D 139 -26.88 -10.93 4.43
C TYR D 139 -25.70 -11.78 4.00
N ASN D 140 -25.85 -13.09 4.01
CA ASN D 140 -24.80 -14.03 3.61
C ASN D 140 -25.42 -15.06 2.67
N GLU D 141 -25.00 -15.12 1.42
CA GLU D 141 -25.51 -16.12 0.49
C GLU D 141 -24.39 -17.06 0.09
N PHE D 142 -24.61 -18.37 0.25
CA PHE D 142 -23.66 -19.42 -0.10
C PHE D 142 -24.28 -20.33 -1.15
N HIS D 143 -23.50 -20.68 -2.18
CA HIS D 143 -23.99 -21.52 -3.25
C HIS D 143 -23.20 -22.82 -3.35
N TYR D 144 -23.91 -23.92 -3.61
CA TYR D 144 -23.32 -25.24 -3.78
C TYR D 144 -23.89 -25.74 -5.08
N HIS D 145 -23.05 -25.81 -6.11
CA HIS D 145 -23.51 -26.23 -7.43
C HIS D 145 -22.84 -27.53 -7.88
N GLY D 146 -23.39 -28.16 -8.91
CA GLY D 146 -22.79 -29.34 -9.50
C GLY D 146 -21.82 -28.95 -10.61
N MET D 147 -21.43 -29.91 -11.46
CA MET D 147 -20.47 -29.61 -12.51
C MET D 147 -21.08 -29.17 -13.85
N ASP D 148 -22.41 -28.89 -13.86
CA ASP D 148 -23.13 -28.40 -15.05
C ASP D 148 -23.27 -26.87 -14.94
N GLY D 149 -22.83 -26.13 -15.95
CA GLY D 149 -22.87 -24.68 -15.92
C GLY D 149 -24.07 -24.00 -16.55
N ASP D 150 -25.23 -24.68 -16.62
CA ASP D 150 -26.42 -24.05 -17.17
C ASP D 150 -27.29 -23.50 -16.03
N ILE D 151 -26.66 -22.66 -15.19
CA ILE D 151 -27.28 -22.02 -14.04
C ILE D 151 -27.14 -20.52 -14.22
N LEU D 152 -28.18 -19.75 -13.88
CA LEU D 152 -28.09 -18.30 -13.91
C LEU D 152 -28.51 -17.81 -12.53
N VAL D 153 -27.56 -17.31 -11.73
CA VAL D 153 -27.84 -16.76 -10.40
C VAL D 153 -27.86 -15.24 -10.62
N LYS D 154 -29.04 -14.62 -10.47
CA LYS D 154 -29.14 -13.19 -10.73
C LYS D 154 -29.76 -12.37 -9.61
N PRO D 155 -28.95 -11.95 -8.62
CA PRO D 155 -29.48 -11.10 -7.57
C PRO D 155 -29.42 -9.60 -7.93
N THR D 156 -30.52 -8.86 -7.70
CA THR D 156 -30.57 -7.41 -7.85
C THR D 156 -31.01 -6.93 -6.48
N VAL D 157 -30.20 -6.10 -5.78
CA VAL D 157 -30.55 -5.65 -4.44
C VAL D 157 -30.51 -4.11 -4.33
N LYS D 158 -31.67 -3.47 -4.03
CA LYS D 158 -31.75 -2.02 -3.81
C LYS D 158 -31.80 -1.83 -2.31
N VAL D 159 -30.85 -1.08 -1.76
CA VAL D 159 -30.76 -0.91 -0.31
C VAL D 159 -30.84 0.57 0.06
N GLU D 160 -31.71 0.90 1.00
CA GLU D 160 -31.88 2.27 1.47
C GLU D 160 -31.55 2.25 2.97
N ILE D 161 -30.53 3.00 3.38
CA ILE D 161 -30.08 3.00 4.77
C ILE D 161 -30.29 4.35 5.44
N ASP D 162 -31.03 4.35 6.55
CA ASP D 162 -31.31 5.58 7.28
C ASP D 162 -30.17 5.94 8.25
N GLU D 163 -30.26 7.10 8.90
CA GLU D 163 -29.28 7.60 9.85
C GLU D 163 -28.84 6.55 10.89
N GLY D 164 -27.57 6.15 10.83
CA GLY D 164 -27.02 5.18 11.77
C GLY D 164 -27.18 3.72 11.39
N GLY D 165 -27.77 3.44 10.24
CA GLY D 165 -27.99 2.07 9.79
C GLY D 165 -26.73 1.32 9.37
N ILE D 166 -26.80 -0.03 9.36
CA ILE D 166 -25.64 -0.86 8.98
C ILE D 166 -26.06 -1.93 7.96
N TYR D 167 -25.29 -2.09 6.88
CA TYR D 167 -25.58 -3.12 5.89
C TYR D 167 -24.33 -3.94 5.64
N ILE D 168 -24.41 -5.26 5.83
CA ILE D 168 -23.29 -6.17 5.60
C ILE D 168 -23.77 -7.20 4.60
N SER D 169 -23.06 -7.37 3.49
CA SER D 169 -23.49 -8.29 2.44
C SER D 169 -22.34 -9.15 2.00
N ASN D 170 -22.59 -10.45 1.79
CA ASN D 170 -21.60 -11.43 1.39
C ASN D 170 -22.18 -12.42 0.40
N PHE D 171 -21.58 -12.54 -0.79
CA PHE D 171 -22.00 -13.53 -1.76
C PHE D 171 -20.80 -14.44 -2.01
N THR D 172 -20.98 -15.74 -1.81
CA THR D 172 -19.91 -16.70 -2.03
C THR D 172 -20.39 -17.76 -3.01
N LEU D 173 -19.61 -17.97 -4.07
CA LEU D 173 -19.91 -18.97 -5.09
C LEU D 173 -18.56 -19.61 -5.43
N THR D 174 -18.18 -20.61 -4.64
CA THR D 174 -16.90 -21.28 -4.82
C THR D 174 -17.02 -22.81 -4.93
N LYS D 175 -18.27 -23.34 -5.00
CA LYS D 175 -18.56 -24.76 -5.04
C LYS D 175 -19.21 -25.15 -6.36
N GLY D 176 -18.51 -25.97 -7.13
CA GLY D 176 -18.98 -26.43 -8.43
C GLY D 176 -18.86 -25.35 -9.48
N ARG D 177 -19.60 -25.48 -10.57
CA ARG D 177 -19.59 -24.50 -11.63
C ARG D 177 -20.57 -23.39 -11.29
N ILE D 178 -20.13 -22.14 -11.37
CA ILE D 178 -21.00 -20.99 -11.10
C ILE D 178 -22.12 -20.92 -12.15
N GLY D 179 -21.74 -21.04 -13.41
CA GLY D 179 -22.62 -20.90 -14.55
C GLY D 179 -22.49 -19.45 -14.98
N THR D 180 -23.51 -18.63 -14.68
CA THR D 180 -23.44 -17.20 -14.96
C THR D 180 -23.92 -16.50 -13.71
N LEU D 181 -23.02 -15.75 -13.05
CA LEU D 181 -23.39 -14.98 -11.87
C LEU D 181 -23.60 -13.53 -12.32
N ASP D 182 -24.75 -12.91 -12.00
CA ASP D 182 -25.00 -11.52 -12.38
C ASP D 182 -25.51 -10.76 -11.16
N ILE D 183 -24.62 -10.14 -10.41
CA ILE D 183 -24.99 -9.41 -9.20
C ILE D 183 -25.10 -7.93 -9.51
N GLU D 184 -26.15 -7.30 -9.02
CA GLU D 184 -26.32 -5.87 -9.14
C GLU D 184 -26.78 -5.35 -7.81
N GLN D 185 -26.07 -4.36 -7.24
CA GLN D 185 -26.49 -3.76 -5.98
C GLN D 185 -26.41 -2.25 -6.03
N GLU D 186 -27.40 -1.57 -5.45
CA GLU D 186 -27.35 -0.13 -5.34
C GLU D 186 -27.77 0.22 -3.94
N ILE D 187 -26.88 0.87 -3.19
CA ILE D 187 -27.07 1.23 -1.79
C ILE D 187 -27.03 2.76 -1.66
N ILE D 188 -28.06 3.33 -1.01
CA ILE D 188 -28.18 4.77 -0.75
C ILE D 188 -28.07 4.93 0.75
N ALA D 189 -27.04 5.62 1.23
CA ALA D 189 -26.80 5.72 2.66
C ALA D 189 -26.91 7.13 3.20
N LYS D 190 -27.53 7.26 4.37
CA LYS D 190 -27.68 8.55 5.05
C LYS D 190 -26.64 8.64 6.19
N LYS D 191 -26.66 9.74 6.96
CA LYS D 191 -25.78 10.06 8.09
C LYS D 191 -25.36 8.86 8.91
N ASP D 192 -24.05 8.71 9.18
CA ASP D 192 -23.49 7.68 10.04
C ASP D 192 -23.76 6.21 9.66
N ALA D 193 -24.11 5.94 8.39
CA ALA D 193 -24.32 4.55 7.96
C ALA D 193 -22.98 3.81 7.78
N ILE D 194 -22.99 2.48 7.84
CA ILE D 194 -21.79 1.67 7.65
C ILE D 194 -22.15 0.56 6.69
N ILE D 195 -21.41 0.43 5.59
CA ILE D 195 -21.67 -0.58 4.57
C ILE D 195 -20.43 -1.42 4.37
N ASP D 196 -20.60 -2.73 4.27
CA ASP D 196 -19.54 -3.70 4.05
C ASP D 196 -20.06 -4.73 3.07
N ILE D 197 -19.62 -4.69 1.81
CA ILE D 197 -20.07 -5.61 0.76
C ILE D 197 -18.92 -6.46 0.29
N THR D 198 -19.09 -7.78 0.22
CA THR D 198 -18.00 -8.68 -0.17
C THR D 198 -18.46 -9.72 -1.21
N THR D 199 -17.53 -10.20 -2.05
CA THR D 199 -17.84 -11.24 -3.03
C THR D 199 -16.63 -12.20 -3.11
N ARG D 200 -16.86 -13.52 -2.92
CA ARG D 200 -15.81 -14.51 -3.06
C ARG D 200 -16.25 -15.47 -4.13
N THR D 201 -15.48 -15.58 -5.20
CA THR D 201 -15.86 -16.45 -6.31
C THR D 201 -14.75 -17.36 -6.78
N TYR D 202 -15.13 -18.49 -7.34
CA TYR D 202 -14.20 -19.43 -7.92
C TYR D 202 -14.79 -19.85 -9.26
N ALA D 203 -14.34 -19.20 -10.33
CA ALA D 203 -14.85 -19.45 -11.66
C ALA D 203 -13.99 -20.44 -12.42
N ILE D 204 -14.63 -21.47 -12.99
CA ILE D 204 -14.02 -22.57 -13.74
C ILE D 204 -14.77 -22.78 -15.08
N LYS D 205 -14.19 -23.58 -15.98
CA LYS D 205 -14.74 -23.94 -17.28
C LYS D 205 -15.16 -22.68 -18.06
N GLU D 206 -16.41 -22.54 -18.50
CA GLU D 206 -16.85 -21.36 -19.23
C GLU D 206 -17.71 -20.47 -18.34
N ASP D 207 -17.40 -20.38 -17.04
CA ASP D 207 -18.14 -19.56 -16.09
C ASP D 207 -18.07 -18.10 -16.38
N VAL D 208 -19.15 -17.38 -16.11
CA VAL D 208 -19.20 -15.95 -16.31
C VAL D 208 -19.53 -15.34 -14.95
N VAL D 209 -18.73 -14.38 -14.48
CA VAL D 209 -19.03 -13.69 -13.23
C VAL D 209 -19.18 -12.22 -13.58
N LYS D 210 -20.32 -11.63 -13.23
CA LYS D 210 -20.60 -10.22 -13.45
C LYS D 210 -20.99 -9.60 -12.11
N VAL D 211 -20.27 -8.56 -11.66
CA VAL D 211 -20.58 -7.90 -10.39
C VAL D 211 -20.67 -6.43 -10.62
N ASN D 212 -21.79 -5.81 -10.26
CA ASN D 212 -21.96 -4.38 -10.45
C ASN D 212 -22.51 -3.82 -9.19
N GLU D 213 -21.67 -3.19 -8.36
CA GLU D 213 -22.15 -2.63 -7.09
C GLU D 213 -21.91 -1.16 -6.98
N VAL D 214 -22.93 -0.38 -6.59
CA VAL D 214 -22.77 1.06 -6.41
C VAL D 214 -23.16 1.41 -4.98
N VAL D 215 -22.31 2.15 -4.25
CA VAL D 215 -22.63 2.63 -2.92
C VAL D 215 -22.58 4.17 -2.92
N LYS D 216 -23.70 4.81 -2.62
CA LYS D 216 -23.75 6.28 -2.58
C LYS D 216 -23.79 6.76 -1.14
N LEU D 217 -22.69 7.36 -0.67
CA LEU D 217 -22.59 7.88 0.70
C LEU D 217 -23.16 9.30 0.70
N ASN D 218 -24.50 9.38 0.83
CA ASN D 218 -25.26 10.62 0.72
C ASN D 218 -25.56 11.34 2.05
N GLY D 219 -25.01 10.83 3.14
CA GLY D 219 -25.18 11.44 4.44
C GLY D 219 -23.84 11.64 5.12
N GLU D 220 -23.75 12.63 5.99
CA GLU D 220 -22.53 12.97 6.71
C GLU D 220 -21.95 11.79 7.48
N ASN D 221 -20.66 11.52 7.30
CA ASN D 221 -19.94 10.48 8.04
C ASN D 221 -20.31 9.04 7.66
N ALA D 222 -21.02 8.84 6.53
CA ALA D 222 -21.37 7.49 6.06
C ALA D 222 -20.09 6.79 5.58
N LYS D 223 -19.88 5.54 6.00
CA LYS D 223 -18.65 4.80 5.64
C LYS D 223 -18.92 3.55 4.87
N CYS D 224 -18.03 3.20 3.93
CA CYS D 224 -18.21 2.00 3.13
C CYS D 224 -16.91 1.25 2.78
N ILE D 225 -17.01 -0.09 2.68
CA ILE D 225 -15.98 -0.94 2.13
C ILE D 225 -16.60 -1.93 1.12
N ILE D 226 -16.03 -2.00 -0.10
CA ILE D 226 -16.46 -2.96 -1.13
C ILE D 226 -15.25 -3.81 -1.37
N LYS D 227 -15.39 -5.10 -1.15
CA LYS D 227 -14.28 -6.04 -1.26
C LYS D 227 -14.62 -7.14 -2.24
N SER D 228 -13.67 -7.48 -3.10
CA SER D 228 -13.86 -8.58 -4.03
C SER D 228 -12.62 -9.47 -3.99
N ARG D 229 -12.84 -10.77 -3.80
CA ARG D 229 -11.81 -11.79 -3.76
C ARG D 229 -12.22 -12.91 -4.69
N GLY D 230 -11.28 -13.51 -5.40
CA GLY D 230 -11.62 -14.60 -6.32
C GLY D 230 -10.51 -15.15 -7.18
N ALA D 231 -10.78 -16.29 -7.80
CA ALA D 231 -9.84 -16.96 -8.70
C ALA D 231 -10.60 -17.36 -9.96
N ALA D 232 -10.04 -17.10 -11.13
CA ALA D 232 -10.67 -17.43 -12.39
C ALA D 232 -9.75 -18.36 -13.16
N MET D 233 -10.26 -19.54 -13.57
CA MET D 233 -9.51 -20.56 -14.29
C MET D 233 -10.17 -20.88 -15.66
N ASP D 234 -9.53 -21.77 -16.46
CA ASP D 234 -10.01 -22.32 -17.73
C ASP D 234 -10.43 -21.20 -18.72
N ASN D 235 -11.71 -21.11 -19.13
CA ASN D 235 -12.17 -20.08 -20.06
C ASN D 235 -13.19 -19.15 -19.40
N SER D 236 -13.02 -18.87 -18.10
CA SER D 236 -13.94 -18.00 -17.39
C SER D 236 -13.79 -16.53 -17.76
N LYS D 237 -14.86 -15.76 -17.56
CA LYS D 237 -14.92 -14.34 -17.87
C LYS D 237 -15.45 -13.58 -16.67
N ILE D 238 -14.62 -12.68 -16.10
CA ILE D 238 -14.97 -11.93 -14.89
C ILE D 238 -15.07 -10.45 -15.21
N SER D 239 -16.12 -9.80 -14.72
CA SER D 239 -16.26 -8.35 -14.85
C SER D 239 -16.67 -7.84 -13.48
N LEU D 240 -15.86 -6.98 -12.88
CA LEU D 240 -16.14 -6.44 -11.55
C LEU D 240 -16.21 -4.93 -11.62
N LYS D 241 -17.41 -4.36 -11.56
CA LYS D 241 -17.61 -2.93 -11.57
C LYS D 241 -18.06 -2.55 -10.17
N LEU D 242 -17.20 -1.89 -9.39
CA LEU D 242 -17.48 -1.56 -7.98
C LEU D 242 -17.35 -0.05 -7.84
N LYS D 243 -18.36 0.61 -7.27
CA LYS D 243 -18.37 2.08 -7.24
C LYS D 243 -18.73 2.70 -5.92
N ILE D 244 -18.02 3.77 -5.52
CA ILE D 244 -18.37 4.50 -4.31
C ILE D 244 -18.49 5.98 -4.62
N GLU D 245 -19.60 6.60 -4.18
CA GLU D 245 -19.77 8.04 -4.33
C GLU D 245 -19.69 8.70 -2.97
N GLY D 246 -18.69 9.53 -2.77
CA GLY D 246 -18.52 10.29 -1.54
C GLY D 246 -19.15 11.64 -1.75
N ASN D 247 -20.47 11.72 -1.48
CA ASN D 247 -21.25 12.93 -1.76
C ASN D 247 -21.48 13.85 -0.57
N ALA D 248 -21.07 13.42 0.63
CA ALA D 248 -21.32 14.18 1.83
C ALA D 248 -20.05 14.42 2.66
N PRO D 249 -20.03 15.47 3.51
CA PRO D 249 -18.83 15.70 4.32
C PRO D 249 -18.59 14.57 5.30
N TYR D 250 -17.31 14.19 5.44
CA TYR D 250 -16.79 13.15 6.31
C TYR D 250 -17.17 11.72 5.87
N SER D 251 -17.67 11.55 4.63
CA SER D 251 -17.96 10.21 4.12
C SER D 251 -16.62 9.57 3.70
N LYS D 252 -16.41 8.31 4.05
CA LYS D 252 -15.16 7.62 3.73
C LYS D 252 -15.46 6.29 3.07
N GLY D 253 -14.64 5.90 2.09
CA GLY D 253 -14.86 4.64 1.42
C GLY D 253 -13.59 3.98 0.95
N HIS D 254 -13.64 2.66 0.76
CA HIS D 254 -12.50 1.91 0.27
C HIS D 254 -12.94 0.73 -0.59
N ILE D 255 -12.31 0.58 -1.77
CA ILE D 255 -12.59 -0.55 -2.68
C ILE D 255 -11.34 -1.42 -2.69
N ASP D 256 -11.49 -2.70 -2.42
CA ASP D 256 -10.37 -3.63 -2.37
C ASP D 256 -10.69 -4.77 -3.30
N CYS D 257 -9.91 -4.95 -4.36
CA CYS D 257 -10.20 -6.00 -5.33
C CYS D 257 -9.00 -6.84 -5.60
N ALA D 258 -9.13 -8.17 -5.57
CA ALA D 258 -8.00 -9.07 -5.81
C ALA D 258 -8.51 -10.25 -6.60
N GLU D 259 -7.91 -10.54 -7.75
CA GLU D 259 -8.43 -11.62 -8.60
C GLU D 259 -7.32 -12.35 -9.26
N ILE D 260 -7.22 -13.68 -9.01
CA ILE D 260 -6.17 -14.53 -9.60
C ILE D 260 -6.62 -15.03 -10.96
N VAL D 261 -5.74 -14.96 -11.94
CA VAL D 261 -6.03 -15.43 -13.29
C VAL D 261 -5.16 -16.66 -13.56
N LYS D 262 -5.80 -17.76 -13.97
CA LYS D 262 -5.14 -19.02 -14.33
C LYS D 262 -5.73 -19.48 -15.69
N GLY D 263 -4.94 -20.17 -16.49
CA GLY D 263 -5.39 -20.65 -17.79
C GLY D 263 -5.71 -19.52 -18.76
N ASN D 264 -6.82 -19.66 -19.52
CA ASN D 264 -7.24 -18.64 -20.49
C ASN D 264 -8.34 -17.72 -19.95
N ALA D 265 -8.43 -17.58 -18.61
CA ALA D 265 -9.42 -16.74 -17.96
C ALA D 265 -9.17 -15.26 -18.28
N GLU D 266 -10.25 -14.50 -18.33
CA GLU D 266 -10.17 -13.08 -18.63
C GLU D 266 -10.89 -12.29 -17.57
N VAL D 267 -10.23 -11.25 -17.09
CA VAL D 267 -10.75 -10.44 -16.02
C VAL D 267 -10.76 -8.96 -16.37
N GLU D 268 -11.83 -8.28 -16.01
CA GLU D 268 -11.95 -6.86 -16.15
C GLU D 268 -12.35 -6.25 -14.80
N SER D 269 -11.54 -5.33 -14.29
CA SER D 269 -11.80 -4.70 -13.01
C SER D 269 -12.03 -3.19 -13.21
N ILE D 270 -13.26 -2.73 -12.96
CA ILE D 270 -13.64 -1.33 -13.13
C ILE D 270 -14.10 -0.71 -11.81
N PRO D 271 -13.15 -0.19 -11.02
CA PRO D 271 -13.51 0.37 -9.71
C PRO D 271 -13.65 1.88 -9.72
N ILE D 272 -14.85 2.41 -9.85
CA ILE D 272 -15.13 3.84 -9.93
C ILE D 272 -15.20 4.58 -8.58
N VAL D 273 -14.54 5.73 -8.51
CA VAL D 273 -14.60 6.57 -7.32
C VAL D 273 -15.09 7.96 -7.68
N VAL D 274 -16.19 8.41 -7.08
CA VAL D 274 -16.72 9.76 -7.35
C VAL D 274 -16.69 10.53 -6.04
N VAL D 275 -16.16 11.77 -6.06
CA VAL D 275 -16.12 12.59 -4.85
C VAL D 275 -16.75 13.95 -5.16
N ARG D 276 -17.81 14.32 -4.41
CA ARG D 276 -18.53 15.57 -4.60
C ARG D 276 -18.54 16.47 -3.35
N ASP D 277 -17.60 16.24 -2.40
CA ASP D 277 -17.45 17.01 -1.17
C ASP D 277 -15.97 17.14 -0.81
N ASP D 278 -15.50 18.33 -0.38
CA ASP D 278 -14.08 18.51 -0.05
C ASP D 278 -13.66 17.89 1.30
N LYS D 279 -14.63 17.36 2.08
CA LYS D 279 -14.37 16.68 3.35
C LYS D 279 -14.64 15.17 3.25
N ALA D 280 -14.80 14.63 2.03
CA ALA D 280 -15.02 13.23 1.72
C ALA D 280 -13.70 12.65 1.22
N ARG D 281 -13.45 11.34 1.43
CA ARG D 281 -12.21 10.72 0.94
C ARG D 281 -12.41 9.26 0.63
N ILE D 282 -12.06 8.86 -0.58
CA ILE D 282 -12.24 7.48 -1.00
C ILE D 282 -10.96 6.98 -1.59
N THR D 283 -10.61 5.75 -1.25
CA THR D 283 -9.43 5.11 -1.78
C THR D 283 -9.82 3.78 -2.41
N HIS D 284 -8.95 3.26 -3.25
N HIS D 284 -8.96 3.26 -3.30
CA HIS D 284 -9.14 1.97 -3.86
CA HIS D 284 -9.20 1.98 -3.95
C HIS D 284 -7.77 1.30 -4.06
C HIS D 284 -7.87 1.31 -4.33
N GLU D 285 -7.79 -0.02 -4.13
CA GLU D 285 -6.58 -0.80 -4.36
C GLU D 285 -7.00 -2.07 -5.07
N ALA D 286 -6.25 -2.51 -6.09
CA ALA D 286 -6.59 -3.75 -6.80
C ALA D 286 -5.36 -4.44 -7.31
N ALA D 287 -5.42 -5.77 -7.37
CA ALA D 287 -4.33 -6.58 -7.90
C ALA D 287 -4.99 -7.65 -8.72
N ILE D 288 -4.66 -7.68 -10.03
CA ILE D 288 -5.34 -8.59 -10.96
C ILE D 288 -4.30 -9.33 -11.78
N GLY D 289 -4.47 -10.63 -11.95
CA GLY D 289 -3.50 -11.40 -12.71
C GLY D 289 -2.90 -12.56 -11.97
N SER D 290 -1.63 -12.85 -12.24
CA SER D 290 -0.93 -13.96 -11.59
C SER D 290 -0.75 -13.72 -10.10
N VAL D 291 -0.51 -14.80 -9.33
CA VAL D 291 -0.32 -14.66 -7.88
C VAL D 291 0.90 -13.78 -7.57
N ASP D 292 0.87 -13.05 -6.44
CA ASP D 292 1.96 -12.18 -6.00
C ASP D 292 3.26 -13.00 -5.95
N LYS D 293 4.34 -12.49 -6.56
CA LYS D 293 5.59 -13.21 -6.65
C LYS D 293 6.22 -13.47 -5.30
N LYS D 294 6.13 -12.53 -4.35
CA LYS D 294 6.67 -12.73 -3.02
C LYS D 294 5.91 -13.81 -2.27
N GLN D 295 4.61 -13.87 -2.42
CA GLN D 295 3.78 -14.88 -1.76
C GLN D 295 4.16 -16.27 -2.27
N LEU D 296 4.32 -16.40 -3.60
CA LEU D 296 4.63 -17.63 -4.28
C LEU D 296 6.00 -18.10 -3.83
N GLU D 297 7.01 -17.21 -3.89
CA GLU D 297 8.38 -17.51 -3.51
C GLU D 297 8.56 -17.79 -2.03
N THR D 298 7.72 -17.23 -1.17
CA THR D 298 7.76 -17.50 0.26
C THR D 298 7.31 -18.93 0.50
N LEU D 299 6.23 -19.37 -0.17
CA LEU D 299 5.76 -20.74 -0.02
C LEU D 299 6.73 -21.76 -0.66
N MET D 300 7.37 -21.40 -1.78
CA MET D 300 8.36 -22.28 -2.41
C MET D 300 9.62 -22.43 -1.56
N ALA D 301 9.94 -21.43 -0.69
CA ALA D 301 11.07 -21.50 0.25
C ALA D 301 10.77 -22.47 1.42
N LYS D 302 9.49 -22.91 1.57
CA LYS D 302 9.01 -23.92 2.51
C LYS D 302 9.10 -25.35 1.86
N GLY D 303 9.58 -25.48 0.62
CA GLY D 303 9.66 -26.76 -0.06
C GLY D 303 8.46 -27.11 -0.94
N LEU D 304 7.46 -26.23 -1.03
CA LEU D 304 6.30 -26.48 -1.90
C LEU D 304 6.68 -26.16 -3.34
N ASP D 305 6.18 -26.94 -4.33
CA ASP D 305 6.47 -26.59 -5.73
C ASP D 305 5.55 -25.44 -6.18
N GLU D 306 5.85 -24.80 -7.34
CA GLU D 306 5.03 -23.72 -7.86
C GLU D 306 3.54 -24.03 -7.94
N ASP D 307 3.19 -25.26 -8.30
CA ASP D 307 1.78 -25.65 -8.40
C ASP D 307 1.13 -25.85 -7.03
N GLU D 308 1.86 -26.42 -6.07
CA GLU D 308 1.34 -26.60 -4.71
C GLU D 308 1.15 -25.24 -4.05
N ALA D 309 2.14 -24.32 -4.22
CA ALA D 309 2.13 -22.98 -3.67
C ALA D 309 0.99 -22.14 -4.23
N THR D 310 0.76 -22.23 -5.57
CA THR D 310 -0.32 -21.51 -6.24
C THR D 310 -1.67 -22.02 -5.74
N GLU D 311 -1.81 -23.35 -5.63
CA GLU D 311 -3.01 -24.01 -5.13
C GLU D 311 -3.34 -23.54 -3.69
N ILE D 312 -2.32 -23.37 -2.82
CA ILE D 312 -2.52 -22.88 -1.45
C ILE D 312 -3.08 -21.45 -1.51
N ILE D 313 -2.44 -20.56 -2.28
CA ILE D 313 -2.84 -19.16 -2.43
C ILE D 313 -4.27 -19.02 -2.94
N VAL D 314 -4.59 -19.75 -4.01
CA VAL D 314 -5.92 -19.76 -4.63
C VAL D 314 -6.97 -20.29 -3.63
N LYS D 315 -6.67 -21.36 -2.89
CA LYS D 315 -7.60 -21.90 -1.90
C LYS D 315 -7.88 -20.91 -0.78
N GLY D 316 -6.85 -20.20 -0.34
CA GLY D 316 -7.02 -19.19 0.70
C GLY D 316 -7.83 -18.00 0.18
N MET D 317 -7.62 -17.63 -1.10
CA MET D 317 -8.29 -16.54 -1.78
C MET D 317 -9.79 -16.77 -1.85
N ILE D 318 -10.20 -18.01 -2.19
CA ILE D 318 -11.60 -18.38 -2.33
C ILE D 318 -12.26 -18.86 -1.00
N GLY D 319 -11.56 -18.84 0.12
CA GLY D 319 -12.12 -19.21 1.41
C GLY D 319 -12.26 -20.70 1.70
N ASP D 320 -11.41 -21.53 1.05
CA ASP D 320 -11.40 -22.97 1.26
C ASP D 320 -10.55 -23.34 2.48
N LEU D 321 -9.40 -22.68 2.65
CA LEU D 321 -8.49 -22.97 3.76
C LEU D 321 -9.02 -22.43 5.11
#